data_3MVZ
#
_entry.id   3MVZ
#
_cell.length_a   86.727
_cell.length_b   94.298
_cell.length_c   124.557
_cell.angle_alpha   90.00
_cell.angle_beta   90.00
_cell.angle_gamma   90.00
#
_symmetry.space_group_name_H-M   'P 21 21 21'
#
loop_
_entity.id
_entity.type
_entity.pdbx_description
1 polymer 'Nickel-binding periplasmic protein'
2 non-polymer 'ACETATE ION'
3 non-polymer 'SULFATE ION'
4 non-polymer GLYCEROL
5 non-polymer 'FE (III) ION'
6 non-polymer '2-[2-[carboxymethyl-[(2-hydroxyphenyl)methyl]amino]ethyl-[(2-hydroxyphenyl)methyl]amino]ethanoic acid'
7 non-polymer 'PEROXIDE ION'
8 water water
#
_entity_poly.entity_id   1
_entity_poly.type   'polypeptide(L)'
_entity_poly.pdbx_seq_one_letter_code
;AAPDEITTAWPVNVGPLNPHLYTPNQMFAQSMVYEPLVKYQADGSVIPWLAKSWTHSEDGKTWTFTLRDDVKFSNGEPFD
AEAAAENFRAVLDNRQRHAWLELANQIVDVKALSKTELQITLKSAYYPFLQELALPRPFRFIAPSQFKNHETMNGIKAPI
GTGPWILQESKLNQYDVFVRNENYWGEKPAIKKITFNVIPDPTTRAVAFETGDIDLLYGNEGLLPLDTFARFSQNPAYHT
QLSQPIETVMLALNTAKAPTNELAVREALNYAVNKKSLIDNALYGTQQVADTLFAPSVPYANLGLKPSQYDPQKAKALLE
KAGWTLPAGKDIREKNGQPLRIELSFIGTDALSKSMAEIIQADMRQIGADVSLIGEEESSIYARQRDGRFGMIFHRTWGA
PYDPHAFLSSMRVPSHADFQAQQGLADKPLIDKEIGEVLATHDETQRQALYRDILTRLHDEAVYLPISYISMMVVSKPEL
GNIPYAPIATEIPFEQIKPVKP
;
_entity_poly.pdbx_strand_id   A,B
#
# COMPACT_ATOMS: atom_id res chain seq x y z
N ALA A 2 27.31 -2.21 18.82
CA ALA A 2 25.89 -2.39 19.28
C ALA A 2 24.80 -1.70 18.44
N PRO A 3 25.15 -0.66 17.62
CA PRO A 3 24.13 0.00 16.76
C PRO A 3 23.66 -0.88 15.58
N ASP A 4 24.18 -2.10 15.51
CA ASP A 4 23.79 -3.06 14.49
C ASP A 4 23.24 -4.33 15.15
N GLU A 5 22.83 -4.19 16.40
CA GLU A 5 22.14 -5.25 17.11
C GLU A 5 20.84 -4.69 17.59
N ILE A 6 19.76 -5.47 17.44
CA ILE A 6 18.48 -5.03 17.96
C ILE A 6 17.82 -6.08 18.82
N THR A 7 16.97 -5.62 19.73
CA THR A 7 16.19 -6.50 20.57
C THR A 7 14.74 -6.19 20.30
N THR A 8 13.96 -7.22 20.06
CA THR A 8 12.56 -7.05 19.80
C THR A 8 11.77 -8.05 20.65
N ALA A 9 10.51 -8.29 20.33
CA ALA A 9 9.67 -9.20 21.09
C ALA A 9 8.68 -9.88 20.16
N TRP A 10 8.17 -11.01 20.60
CA TRP A 10 7.13 -11.76 19.93
C TRP A 10 6.35 -12.48 21.04
N PRO A 11 5.07 -12.79 20.82
CA PRO A 11 4.28 -13.34 21.93
C PRO A 11 4.67 -14.77 22.34
N VAL A 12 5.35 -15.45 21.43
CA VAL A 12 5.82 -16.83 21.61
C VAL A 12 7.20 -16.99 20.97
N ASN A 13 7.84 -18.13 21.23
CA ASN A 13 9.11 -18.45 20.51
C ASN A 13 8.87 -18.62 19.03
N VAL A 14 9.95 -18.57 18.26
CA VAL A 14 9.81 -18.74 16.83
C VAL A 14 9.54 -20.18 16.44
N GLY A 15 9.78 -21.12 17.37
CA GLY A 15 9.55 -22.55 17.13
C GLY A 15 10.80 -23.21 16.61
N PRO A 16 10.67 -24.48 16.19
CA PRO A 16 11.85 -25.23 15.78
C PRO A 16 12.41 -24.81 14.43
N LEU A 17 11.62 -24.04 13.68
CA LEU A 17 11.95 -23.62 12.32
C LEU A 17 12.11 -24.81 11.37
N ASN A 18 11.15 -25.72 11.48
CA ASN A 18 10.94 -26.67 10.43
C ASN A 18 10.27 -25.91 9.27
N PRO A 19 10.92 -25.85 8.08
CA PRO A 19 10.32 -25.06 7.00
C PRO A 19 8.99 -25.60 6.47
N HIS A 20 8.68 -26.85 6.82
CA HIS A 20 7.58 -27.58 6.19
C HIS A 20 6.41 -27.87 7.11
N LEU A 21 6.46 -27.31 8.31
CA LEU A 21 5.39 -27.49 9.27
C LEU A 21 4.85 -26.15 9.76
N TYR A 22 3.84 -26.25 10.61
CA TYR A 22 3.05 -25.12 11.02
C TYR A 22 3.24 -24.79 12.50
N THR A 23 2.23 -24.23 13.17
CA THR A 23 2.42 -23.96 14.59
C THR A 23 3.08 -25.18 15.34
N PRO A 24 4.09 -24.95 16.23
CA PRO A 24 4.51 -23.66 16.79
C PRO A 24 5.49 -22.84 15.96
N ASN A 25 5.83 -23.29 14.76
CA ASN A 25 6.66 -22.46 13.86
C ASN A 25 6.00 -21.15 13.52
N GLN A 26 6.76 -20.06 13.56
CA GLN A 26 6.22 -18.73 13.25
C GLN A 26 6.63 -18.36 11.84
N MET A 27 5.66 -17.96 11.03
CA MET A 27 5.87 -17.77 9.59
CA MET A 27 5.85 -17.76 9.60
C MET A 27 6.88 -16.67 9.33
N PHE A 28 7.03 -15.61 10.12
CA PHE A 28 8.03 -14.58 9.85
C PHE A 28 9.45 -15.11 10.06
N ALA A 29 9.62 -16.03 11.01
CA ALA A 29 10.93 -16.56 11.36
C ALA A 29 11.33 -17.61 10.34
N GLN A 30 10.37 -18.45 9.93
CA GLN A 30 10.62 -19.35 8.79
C GLN A 30 11.13 -18.54 7.59
N SER A 31 10.52 -17.38 7.33
CA SER A 31 10.94 -16.55 6.19
C SER A 31 12.28 -15.86 6.38
N MET A 32 12.76 -15.74 7.62
CA MET A 32 14.08 -15.17 7.90
C MET A 32 15.22 -16.12 7.47
N VAL A 33 14.95 -17.41 7.61
CA VAL A 33 15.96 -18.46 7.45
C VAL A 33 15.85 -19.14 6.09
N TYR A 34 14.62 -19.38 5.64
CA TYR A 34 14.37 -20.16 4.43
C TYR A 34 13.87 -19.28 3.29
N GLU A 35 14.18 -19.68 2.06
CA GLU A 35 13.90 -18.85 0.88
C GLU A 35 13.15 -19.62 -0.19
N PRO A 36 12.38 -18.92 -1.02
CA PRO A 36 11.58 -19.51 -2.09
C PRO A 36 12.32 -19.49 -3.44
N LEU A 37 11.77 -20.22 -4.42
CA LEU A 37 12.28 -20.20 -5.79
C LEU A 37 12.08 -18.83 -6.44
N VAL A 38 10.94 -18.21 -6.14
CA VAL A 38 10.57 -16.89 -6.65
C VAL A 38 10.03 -16.07 -5.50
N LYS A 39 10.24 -14.75 -5.55
CA LYS A 39 9.96 -13.86 -4.43
C LYS A 39 8.81 -12.93 -4.75
N TYR A 40 7.84 -12.87 -3.85
CA TYR A 40 6.67 -12.04 -4.02
C TYR A 40 6.99 -10.54 -3.92
N GLN A 41 6.35 -9.74 -4.78
CA GLN A 41 6.57 -8.30 -4.81
C GLN A 41 5.28 -7.58 -4.48
N ALA A 42 5.40 -6.32 -4.06
CA ALA A 42 4.23 -5.55 -3.65
C ALA A 42 3.19 -5.39 -4.73
N ASP A 43 3.64 -5.38 -6.00
CA ASP A 43 2.73 -5.22 -7.14
C ASP A 43 2.00 -6.50 -7.55
N GLY A 44 2.30 -7.60 -6.86
CA GLY A 44 1.58 -8.87 -7.03
C GLY A 44 2.33 -9.84 -7.89
N SER A 45 3.43 -9.39 -8.48
CA SER A 45 4.27 -10.22 -9.34
C SER A 45 5.20 -11.02 -8.46
N VAL A 46 5.91 -11.97 -9.05
CA VAL A 46 7.08 -12.53 -8.40
C VAL A 46 8.32 -12.17 -9.22
N ILE A 47 9.47 -12.17 -8.55
CA ILE A 47 10.74 -12.00 -9.24
C ILE A 47 11.58 -13.27 -9.07
N PRO A 48 12.56 -13.48 -9.97
CA PRO A 48 13.55 -14.54 -9.77
C PRO A 48 14.20 -14.44 -8.39
N TRP A 49 14.42 -15.59 -7.76
CA TRP A 49 15.08 -15.63 -6.49
C TRP A 49 16.05 -16.83 -6.52
N LEU A 50 15.75 -17.91 -5.81
CA LEU A 50 16.63 -19.08 -5.97
C LEU A 50 16.57 -19.66 -7.38
N ALA A 51 15.44 -19.48 -8.07
CA ALA A 51 15.32 -19.76 -9.50
C ALA A 51 15.63 -18.47 -10.25
N LYS A 52 16.64 -18.50 -11.12
CA LYS A 52 16.92 -17.31 -11.92
C LYS A 52 15.96 -17.08 -13.08
N SER A 53 15.34 -18.15 -13.58
CA SER A 53 14.42 -18.07 -14.70
C SER A 53 13.59 -19.34 -14.81
N TRP A 54 12.55 -19.31 -15.64
CA TRP A 54 11.67 -20.46 -15.83
C TRP A 54 10.93 -20.42 -17.15
N THR A 55 10.51 -21.59 -17.61
CA THR A 55 9.67 -21.73 -18.78
C THR A 55 8.48 -22.58 -18.38
N HIS A 56 7.43 -22.54 -19.18
CA HIS A 56 6.31 -23.42 -19.00
C HIS A 56 5.81 -23.93 -20.35
N SER A 57 5.26 -25.13 -20.32
CA SER A 57 4.65 -25.75 -21.49
C SER A 57 3.43 -24.96 -21.94
N GLU A 58 3.00 -25.22 -23.17
CA GLU A 58 1.85 -24.54 -23.74
C GLU A 58 0.60 -24.81 -22.91
N ASP A 59 0.44 -26.03 -22.41
CA ASP A 59 -0.74 -26.37 -21.61
C ASP A 59 -0.66 -25.83 -20.17
N GLY A 60 0.45 -25.19 -19.85
CA GLY A 60 0.62 -24.55 -18.54
C GLY A 60 0.83 -25.50 -17.37
N LYS A 61 1.08 -26.78 -17.68
CA LYS A 61 1.16 -27.80 -16.63
C LYS A 61 2.59 -28.21 -16.28
N THR A 62 3.53 -27.96 -17.18
CA THR A 62 4.92 -28.35 -16.93
C THR A 62 5.80 -27.11 -16.86
N TRP A 63 6.50 -26.96 -15.75
CA TRP A 63 7.30 -25.76 -15.49
C TRP A 63 8.73 -26.21 -15.26
N THR A 64 9.68 -25.55 -15.90
CA THR A 64 11.09 -25.86 -15.69
C THR A 64 11.83 -24.63 -15.22
N PHE A 65 12.39 -24.72 -14.01
CA PHE A 65 13.12 -23.65 -13.38
C PHE A 65 14.61 -23.85 -13.59
N THR A 66 15.28 -22.78 -13.99
CA THR A 66 16.73 -22.74 -14.02
C THR A 66 17.17 -22.08 -12.72
N LEU A 67 17.89 -22.83 -11.89
CA LEU A 67 18.31 -22.35 -10.57
C LEU A 67 19.64 -21.63 -10.61
N ARG A 68 19.81 -20.68 -9.69
CA ARG A 68 21.14 -20.13 -9.39
C ARG A 68 22.13 -21.25 -9.12
N ASP A 69 23.38 -21.01 -9.47
CA ASP A 69 24.41 -22.02 -9.23
C ASP A 69 25.44 -21.58 -8.21
N ASP A 70 25.17 -20.47 -7.53
CA ASP A 70 26.10 -19.86 -6.57
C ASP A 70 25.61 -19.81 -5.12
N VAL A 71 24.55 -20.55 -4.82
CA VAL A 71 23.93 -20.44 -3.49
C VAL A 71 24.36 -21.59 -2.61
N LYS A 72 24.75 -21.28 -1.37
CA LYS A 72 25.02 -22.29 -0.37
C LYS A 72 24.09 -22.14 0.80
N PHE A 73 23.69 -23.27 1.37
CA PHE A 73 23.07 -23.28 2.69
C PHE A 73 24.05 -22.68 3.70
N SER A 74 23.54 -22.22 4.84
CA SER A 74 24.40 -21.56 5.82
C SER A 74 25.48 -22.46 6.38
N ASN A 75 25.31 -23.78 6.23
CA ASN A 75 26.29 -24.79 6.69
C ASN A 75 27.31 -25.18 5.61
N GLY A 76 27.32 -24.41 4.51
CA GLY A 76 28.28 -24.58 3.42
C GLY A 76 27.89 -25.57 2.33
N GLU A 77 26.86 -26.36 2.57
CA GLU A 77 26.39 -27.33 1.58
C GLU A 77 25.69 -26.62 0.42
N PRO A 78 25.78 -27.19 -0.80
CA PRO A 78 25.24 -26.46 -1.93
C PRO A 78 23.72 -26.51 -2.02
N PHE A 79 23.14 -25.40 -2.45
CA PHE A 79 21.77 -25.42 -2.92
C PHE A 79 21.83 -25.72 -4.42
N ASP A 80 21.07 -26.72 -4.83
CA ASP A 80 20.99 -27.13 -6.24
C ASP A 80 19.64 -27.80 -6.47
N ALA A 81 19.39 -28.22 -7.70
CA ALA A 81 18.08 -28.77 -8.04
C ALA A 81 17.79 -30.08 -7.29
N GLU A 82 18.82 -30.86 -6.97
CA GLU A 82 18.61 -32.08 -6.17
C GLU A 82 18.07 -31.70 -4.80
N ALA A 83 18.71 -30.72 -4.17
CA ALA A 83 18.25 -30.25 -2.86
C ALA A 83 16.83 -29.70 -2.93
N ALA A 84 16.51 -28.96 -3.98
CA ALA A 84 15.16 -28.42 -4.12
C ALA A 84 14.19 -29.57 -4.28
N ALA A 85 14.51 -30.49 -5.18
CA ALA A 85 13.61 -31.64 -5.41
C ALA A 85 13.36 -32.46 -4.15
N GLU A 86 14.39 -32.64 -3.33
CA GLU A 86 14.24 -33.44 -2.11
C GLU A 86 13.34 -32.71 -1.12
N ASN A 87 13.45 -31.38 -1.11
CA ASN A 87 12.49 -30.59 -0.31
C ASN A 87 11.04 -30.75 -0.72
N PHE A 88 10.77 -30.69 -2.02
CA PHE A 88 9.42 -30.91 -2.49
C PHE A 88 8.89 -32.30 -2.12
N ARG A 89 9.74 -33.32 -2.27
CA ARG A 89 9.38 -34.68 -1.84
C ARG A 89 9.06 -34.70 -0.35
N ALA A 90 9.92 -34.10 0.48
CA ALA A 90 9.66 -34.06 1.93
C ALA A 90 8.33 -33.40 2.27
N VAL A 91 8.03 -32.29 1.60
CA VAL A 91 6.77 -31.59 1.85
C VAL A 91 5.58 -32.47 1.46
N LEU A 92 5.64 -33.04 0.25
CA LEU A 92 4.50 -33.76 -0.32
C LEU A 92 4.35 -35.16 0.26
N ASP A 93 5.40 -35.65 0.93
CA ASP A 93 5.28 -36.86 1.71
C ASP A 93 4.31 -36.65 2.89
N ASN A 94 4.01 -35.38 3.17
CA ASN A 94 3.02 -35.01 4.21
C ASN A 94 1.84 -34.27 3.57
N ARG A 95 1.47 -34.71 2.36
CA ARG A 95 0.55 -33.94 1.51
C ARG A 95 -0.76 -33.50 2.19
N GLN A 96 -1.31 -34.40 2.97
CA GLN A 96 -2.68 -34.15 3.54
CA GLN A 96 -2.61 -34.13 3.52
C GLN A 96 -2.62 -32.91 4.48
N ARG A 97 -1.51 -32.75 5.14
CA ARG A 97 -1.37 -31.61 6.08
C ARG A 97 -1.44 -30.26 5.35
N HIS A 98 -1.13 -30.28 4.07
CA HIS A 98 -1.10 -29.06 3.26
C HIS A 98 -2.35 -28.87 2.43
N ALA A 99 -3.43 -29.61 2.75
CA ALA A 99 -4.67 -29.51 1.96
C ALA A 99 -5.22 -28.10 1.77
N TRP A 100 -5.03 -27.22 2.75
CA TRP A 100 -5.47 -25.83 2.66
C TRP A 100 -4.88 -25.06 1.48
N LEU A 101 -3.71 -25.49 1.03
CA LEU A 101 -2.96 -24.81 -0.03
C LEU A 101 -3.09 -25.62 -1.32
N GLU A 102 -3.78 -25.06 -2.30
CA GLU A 102 -4.16 -25.91 -3.42
C GLU A 102 -2.96 -26.40 -4.25
N LEU A 103 -1.87 -25.62 -4.29
CA LEU A 103 -0.65 -26.09 -4.98
C LEU A 103 -0.20 -27.46 -4.47
N ALA A 104 -0.39 -27.73 -3.16
CA ALA A 104 0.04 -29.02 -2.62
C ALA A 104 -0.77 -30.18 -3.21
N ASN A 105 -1.95 -29.90 -3.73
CA ASN A 105 -2.78 -30.92 -4.38
C ASN A 105 -2.55 -30.94 -5.87
N GLN A 106 -1.99 -29.86 -6.38
CA GLN A 106 -1.75 -29.73 -7.81
C GLN A 106 -0.43 -30.34 -8.24
N ILE A 107 0.56 -30.39 -7.35
CA ILE A 107 1.86 -30.91 -7.79
C ILE A 107 1.82 -32.41 -8.00
N VAL A 108 2.08 -32.80 -9.25
CA VAL A 108 2.07 -34.18 -9.68
C VAL A 108 3.46 -34.79 -9.52
N ASP A 109 4.51 -34.04 -9.87
CA ASP A 109 5.87 -34.55 -9.87
C ASP A 109 6.85 -33.38 -9.74
N VAL A 110 7.97 -33.62 -9.07
CA VAL A 110 9.08 -32.69 -9.07
C VAL A 110 10.36 -33.49 -9.26
N LYS A 111 11.12 -33.15 -10.29
CA LYS A 111 12.39 -33.83 -10.46
C LYS A 111 13.50 -32.87 -10.87
N ALA A 112 14.71 -33.15 -10.35
CA ALA A 112 15.91 -32.46 -10.79
C ALA A 112 16.35 -33.04 -12.11
N LEU A 113 16.39 -32.21 -13.14
CA LEU A 113 16.88 -32.66 -14.43
C LEU A 113 18.40 -32.58 -14.56
N SER A 114 19.01 -31.70 -13.77
CA SER A 114 20.45 -31.53 -13.68
C SER A 114 20.66 -30.76 -12.38
N LYS A 115 21.88 -30.29 -12.10
CA LYS A 115 22.13 -29.48 -10.90
C LYS A 115 21.38 -28.15 -10.94
N THR A 116 21.06 -27.68 -12.14
CA THR A 116 20.47 -26.35 -12.30
C THR A 116 19.06 -26.36 -12.89
N GLU A 117 18.56 -27.51 -13.33
CA GLU A 117 17.23 -27.57 -13.93
C GLU A 117 16.30 -28.35 -13.04
N LEU A 118 15.22 -27.69 -12.62
CA LEU A 118 14.18 -28.29 -11.77
C LEU A 118 12.84 -28.30 -12.48
N GLN A 119 12.26 -29.48 -12.69
CA GLN A 119 10.99 -29.58 -13.38
C GLN A 119 9.83 -29.93 -12.45
N ILE A 120 8.77 -29.10 -12.50
CA ILE A 120 7.57 -29.29 -11.69
C ILE A 120 6.39 -29.51 -12.61
N THR A 121 5.69 -30.62 -12.41
CA THR A 121 4.50 -30.92 -13.20
C THR A 121 3.24 -30.77 -12.38
N LEU A 122 2.22 -30.15 -12.96
CA LEU A 122 0.95 -29.92 -12.26
C LEU A 122 -0.20 -30.70 -12.88
N LYS A 123 -1.24 -30.95 -12.08
CA LYS A 123 -2.50 -31.56 -12.54
C LYS A 123 -3.25 -30.70 -13.54
N SER A 124 -3.16 -29.39 -13.36
CA SER A 124 -3.88 -28.44 -14.18
C SER A 124 -3.05 -27.16 -14.30
N ALA A 125 -3.50 -26.26 -15.18
CA ALA A 125 -2.89 -24.96 -15.38
C ALA A 125 -3.25 -24.03 -14.20
N TYR A 126 -2.65 -24.33 -13.05
CA TYR A 126 -2.96 -23.66 -11.80
C TYR A 126 -2.35 -22.25 -11.80
N TYR A 127 -3.21 -21.23 -11.93
CA TYR A 127 -2.72 -19.85 -12.15
C TYR A 127 -1.88 -19.26 -10.99
N PRO A 128 -2.26 -19.53 -9.73
CA PRO A 128 -1.47 -18.96 -8.64
C PRO A 128 -0.19 -19.70 -8.31
N PHE A 129 0.26 -20.59 -9.20
CA PHE A 129 1.45 -21.42 -8.98
C PHE A 129 2.63 -20.66 -8.38
N LEU A 130 3.07 -19.60 -9.07
CA LEU A 130 4.27 -18.86 -8.62
C LEU A 130 4.07 -18.14 -7.28
N GLN A 131 2.90 -17.55 -7.10
N GLN A 131 2.90 -17.53 -7.10
CA GLN A 131 2.61 -16.85 -5.85
CA GLN A 131 2.57 -16.86 -5.84
C GLN A 131 2.59 -17.83 -4.66
C GLN A 131 2.59 -17.84 -4.66
N GLU A 132 2.16 -19.07 -4.89
CA GLU A 132 2.14 -20.06 -3.80
C GLU A 132 3.52 -20.63 -3.52
N LEU A 133 4.35 -20.73 -4.56
CA LEU A 133 5.78 -21.02 -4.31
C LEU A 133 6.48 -19.92 -3.52
N ALA A 134 5.95 -18.70 -3.56
CA ALA A 134 6.57 -17.57 -2.88
C ALA A 134 6.22 -17.46 -1.40
N LEU A 135 5.27 -18.28 -0.95
CA LEU A 135 4.79 -18.17 0.44
C LEU A 135 5.87 -18.53 1.46
N PRO A 136 5.74 -18.02 2.72
CA PRO A 136 6.69 -18.39 3.77
C PRO A 136 6.83 -19.92 3.92
N ARG A 137 5.73 -20.65 3.76
CA ARG A 137 5.74 -22.13 3.90
C ARG A 137 4.59 -22.69 3.07
N PRO A 138 4.70 -23.96 2.65
CA PRO A 138 5.76 -24.92 2.98
C PRO A 138 6.86 -25.09 1.91
N PHE A 139 6.83 -24.36 0.82
CA PHE A 139 7.71 -24.65 -0.28
C PHE A 139 9.09 -23.90 -0.24
N ARG A 140 9.71 -23.89 0.92
CA ARG A 140 11.07 -23.34 1.06
C ARG A 140 12.07 -24.42 1.49
N PHE A 141 13.36 -24.08 1.48
CA PHE A 141 14.40 -25.11 1.35
C PHE A 141 15.34 -25.20 2.52
N ILE A 142 15.31 -26.37 3.19
CA ILE A 142 16.27 -26.71 4.26
C ILE A 142 17.32 -27.64 3.66
N ALA A 143 18.55 -27.56 4.15
CA ALA A 143 19.63 -28.44 3.66
C ALA A 143 19.18 -29.88 3.87
N PRO A 144 19.18 -30.71 2.79
CA PRO A 144 18.69 -32.08 2.97
C PRO A 144 19.48 -32.95 3.97
N SER A 145 20.71 -32.56 4.28
CA SER A 145 21.45 -33.22 5.36
C SER A 145 20.76 -33.14 6.72
N GLN A 146 19.82 -32.20 6.86
CA GLN A 146 19.18 -31.92 8.12
C GLN A 146 17.80 -32.58 8.21
N PHE A 147 17.45 -33.35 7.17
CA PHE A 147 16.25 -34.20 7.21
C PHE A 147 16.50 -35.26 8.28
N LYS A 148 15.42 -35.81 8.82
CA LYS A 148 15.52 -36.97 9.69
C LYS A 148 14.95 -38.19 8.99
N ASN A 149 15.79 -39.21 8.80
CA ASN A 149 15.46 -40.37 7.97
C ASN A 149 14.86 -39.99 6.61
N HIS A 150 15.50 -39.00 5.98
CA HIS A 150 15.19 -38.51 4.64
C HIS A 150 13.80 -37.88 4.55
N GLU A 151 13.31 -37.44 5.71
CA GLU A 151 12.03 -36.70 5.76
C GLU A 151 12.16 -35.43 6.59
N THR A 152 11.15 -34.56 6.51
CA THR A 152 11.05 -33.44 7.44
C THR A 152 9.76 -33.48 8.26
N MET A 153 8.78 -34.29 7.84
CA MET A 153 7.47 -34.30 8.50
C MET A 153 7.50 -34.82 9.95
N ASN A 154 8.54 -35.58 10.29
CA ASN A 154 8.75 -36.11 11.64
C ASN A 154 9.82 -35.35 12.41
N GLY A 155 10.18 -34.18 11.88
CA GLY A 155 11.18 -33.32 12.49
C GLY A 155 12.40 -33.10 11.62
N ILE A 156 13.18 -32.09 11.99
CA ILE A 156 14.46 -31.80 11.35
C ILE A 156 15.59 -31.77 12.41
N LYS A 157 16.82 -31.69 11.92
CA LYS A 157 18.00 -31.59 12.77
C LYS A 157 18.27 -30.11 13.06
N ALA A 158 19.25 -29.53 12.38
CA ALA A 158 19.46 -28.08 12.51
C ALA A 158 18.66 -27.32 11.46
N PRO A 159 18.11 -26.13 11.82
CA PRO A 159 17.26 -25.42 10.85
C PRO A 159 18.10 -24.60 9.85
N ILE A 160 18.74 -25.32 8.93
CA ILE A 160 19.70 -24.75 8.00
C ILE A 160 19.03 -24.33 6.68
N GLY A 161 18.95 -23.01 6.48
CA GLY A 161 18.43 -22.45 5.24
C GLY A 161 19.50 -21.77 4.40
N THR A 162 19.05 -21.12 3.34
CA THR A 162 19.90 -20.29 2.48
C THR A 162 19.78 -18.80 2.80
N GLY A 163 18.88 -18.45 3.71
CA GLY A 163 18.47 -17.06 3.90
C GLY A 163 19.44 -16.14 4.61
N PRO A 164 19.09 -14.85 4.68
CA PRO A 164 19.92 -13.80 5.27
C PRO A 164 20.16 -13.89 6.79
N TRP A 165 19.38 -14.71 7.49
CA TRP A 165 19.50 -14.88 8.95
C TRP A 165 19.71 -16.35 9.34
N ILE A 166 20.49 -16.57 10.37
CA ILE A 166 20.71 -17.91 10.93
C ILE A 166 20.23 -17.89 12.37
N LEU A 167 19.50 -18.91 12.78
CA LEU A 167 19.12 -19.06 14.18
C LEU A 167 20.37 -19.36 14.99
N GLN A 168 20.70 -18.50 15.95
CA GLN A 168 21.87 -18.76 16.79
C GLN A 168 21.49 -19.68 17.95
N GLU A 169 20.44 -19.33 18.68
CA GLU A 169 19.99 -20.09 19.84
C GLU A 169 18.53 -19.78 20.19
N SER A 170 17.87 -20.74 20.81
CA SER A 170 16.50 -20.60 21.29
C SER A 170 16.42 -21.09 22.72
N LYS A 171 15.71 -20.33 23.53
CA LYS A 171 15.43 -20.73 24.91
C LYS A 171 13.93 -20.63 25.10
N LEU A 172 13.29 -21.78 25.32
CA LEU A 172 11.83 -21.85 25.39
C LEU A 172 11.29 -20.95 26.50
N ASN A 173 10.30 -20.14 26.10
CA ASN A 173 9.63 -19.17 26.97
C ASN A 173 10.45 -17.95 27.35
N GLN A 174 11.63 -17.83 26.77
CA GLN A 174 12.55 -16.75 27.11
C GLN A 174 12.92 -15.88 25.91
N TYR A 175 13.60 -16.47 24.93
CA TYR A 175 14.09 -15.70 23.78
C TYR A 175 14.49 -16.57 22.60
N ASP A 176 14.65 -15.92 21.45
CA ASP A 176 15.31 -16.51 20.31
C ASP A 176 16.32 -15.50 19.79
N VAL A 177 17.48 -15.96 19.35
CA VAL A 177 18.50 -15.03 18.82
C VAL A 177 18.88 -15.42 17.41
N PHE A 178 18.86 -14.47 16.50
CA PHE A 178 19.29 -14.69 15.13
C PHE A 178 20.51 -13.84 14.84
N VAL A 179 21.39 -14.33 13.97
CA VAL A 179 22.49 -13.51 13.49
C VAL A 179 22.46 -13.46 11.97
N ARG A 180 23.05 -12.41 11.40
CA ARG A 180 23.18 -12.28 9.97
C ARG A 180 23.98 -13.46 9.39
N ASN A 181 23.55 -13.99 8.23
CA ASN A 181 24.32 -15.00 7.48
C ASN A 181 25.47 -14.29 6.74
N GLU A 182 26.70 -14.51 7.19
CA GLU A 182 27.86 -13.83 6.60
C GLU A 182 28.23 -14.40 5.24
N ASN A 183 27.61 -15.53 4.88
CA ASN A 183 27.86 -16.14 3.59
C ASN A 183 26.61 -16.23 2.76
N TYR A 184 25.76 -15.22 2.91
CA TYR A 184 24.53 -15.14 2.13
C TYR A 184 24.80 -14.77 0.68
N TRP A 185 24.09 -15.42 -0.23
CA TRP A 185 24.27 -15.17 -1.68
C TRP A 185 23.85 -13.78 -2.14
N GLY A 186 22.94 -13.14 -1.39
CA GLY A 186 22.39 -11.84 -1.77
C GLY A 186 22.96 -10.69 -0.97
N GLU A 187 22.15 -9.65 -0.78
CA GLU A 187 22.57 -8.44 -0.06
C GLU A 187 22.77 -8.72 1.41
N LYS A 188 23.86 -8.17 1.97
CA LYS A 188 24.19 -8.25 3.39
C LYS A 188 23.25 -7.34 4.22
N PRO A 189 22.54 -7.91 5.22
CA PRO A 189 21.76 -7.04 6.10
C PRO A 189 22.65 -6.10 6.91
N ALA A 190 22.18 -4.88 7.16
CA ALA A 190 22.91 -3.95 8.01
C ALA A 190 22.97 -4.41 9.46
N ILE A 191 21.87 -5.01 9.93
CA ILE A 191 21.76 -5.53 11.30
CA ILE A 191 21.77 -5.52 11.29
C ILE A 191 22.50 -6.86 11.40
N LYS A 192 23.23 -7.08 12.47
CA LYS A 192 24.11 -8.21 12.64
C LYS A 192 23.45 -9.27 13.53
N LYS A 193 22.64 -8.79 14.49
CA LYS A 193 22.04 -9.67 15.47
C LYS A 193 20.66 -9.16 15.88
N ILE A 194 19.72 -10.10 16.02
CA ILE A 194 18.36 -9.78 16.46
C ILE A 194 17.95 -10.74 17.56
N THR A 195 17.61 -10.17 18.72
CA THR A 195 17.14 -10.96 19.83
C THR A 195 15.63 -10.75 19.98
N PHE A 196 14.88 -11.87 20.03
CA PHE A 196 13.44 -11.83 20.28
C PHE A 196 13.17 -12.23 21.72
N ASN A 197 12.66 -11.29 22.52
CA ASN A 197 12.22 -11.60 23.87
C ASN A 197 10.79 -12.13 23.82
N VAL A 198 10.54 -13.26 24.48
CA VAL A 198 9.21 -13.83 24.44
C VAL A 198 8.35 -13.10 25.47
N ILE A 199 7.35 -12.35 24.99
CA ILE A 199 6.53 -11.54 25.90
C ILE A 199 5.07 -11.64 25.43
N PRO A 200 4.30 -12.54 26.04
CA PRO A 200 2.96 -12.83 25.51
C PRO A 200 1.90 -11.74 25.71
N ASP A 201 2.07 -10.89 26.70
CA ASP A 201 1.02 -9.92 27.01
C ASP A 201 1.27 -8.55 26.34
N PRO A 202 0.22 -7.95 25.75
CA PRO A 202 0.44 -6.69 25.05
C PRO A 202 0.89 -5.55 25.96
N THR A 203 0.34 -5.48 27.17
CA THR A 203 0.75 -4.41 28.10
C THR A 203 2.20 -4.57 28.47
N THR A 204 2.60 -5.81 28.75
CA THR A 204 3.95 -6.13 29.12
C THR A 204 4.92 -5.79 27.98
N ARG A 205 4.50 -5.99 26.73
CA ARG A 205 5.33 -5.56 25.60
C ARG A 205 5.55 -4.05 25.60
N ALA A 206 4.49 -3.29 25.84
CA ALA A 206 4.58 -1.82 25.88
C ALA A 206 5.51 -1.38 27.01
N VAL A 207 5.39 -2.02 28.18
CA VAL A 207 6.28 -1.72 29.32
C VAL A 207 7.74 -2.03 28.97
N ALA A 208 7.96 -3.17 28.29
CA ALA A 208 9.32 -3.54 27.91
C ALA A 208 9.91 -2.48 27.01
N PHE A 209 9.10 -1.87 26.15
CA PHE A 209 9.61 -0.81 25.29
C PHE A 209 9.91 0.47 26.10
N GLU A 210 8.99 0.83 26.98
CA GLU A 210 9.14 2.07 27.77
C GLU A 210 10.38 2.06 28.63
N THR A 211 10.68 0.88 29.18
CA THR A 211 11.78 0.68 30.10
C THR A 211 13.12 0.56 29.35
N GLY A 212 13.04 0.37 28.03
CA GLY A 212 14.23 0.17 27.22
C GLY A 212 14.76 -1.24 27.15
N ASP A 213 13.99 -2.21 27.63
CA ASP A 213 14.37 -3.63 27.55
C ASP A 213 14.37 -4.13 26.11
N ILE A 214 13.53 -3.50 25.27
CA ILE A 214 13.49 -3.81 23.84
C ILE A 214 13.55 -2.53 23.01
N ASP A 215 13.88 -2.68 21.73
CA ASP A 215 14.17 -1.59 20.78
C ASP A 215 13.08 -1.41 19.73
N LEU A 216 12.27 -2.45 19.55
CA LEU A 216 11.37 -2.53 18.39
C LEU A 216 10.19 -3.43 18.71
N LEU A 217 8.99 -2.94 18.40
CA LEU A 217 7.82 -3.76 18.39
C LEU A 217 7.23 -3.67 16.99
N TYR A 218 6.85 -4.82 16.44
CA TYR A 218 6.34 -4.85 15.08
C TYR A 218 5.25 -5.91 15.05
N GLY A 219 4.07 -5.56 14.58
CA GLY A 219 2.96 -6.53 14.61
C GLY A 219 1.65 -5.92 14.15
N ASN A 220 0.57 -6.67 14.29
CA ASN A 220 -0.75 -6.23 13.85
C ASN A 220 -1.44 -5.34 14.89
N GLU A 221 -2.77 -5.32 14.84
CA GLU A 221 -3.54 -4.51 15.79
C GLU A 221 -3.48 -4.98 17.25
N GLY A 222 -3.03 -6.22 17.44
CA GLY A 222 -2.83 -6.79 18.77
C GLY A 222 -1.45 -6.55 19.36
N LEU A 223 -0.60 -5.81 18.65
CA LEU A 223 0.78 -5.61 19.10
C LEU A 223 0.94 -5.08 20.52
N LEU A 224 0.21 -4.01 20.81
CA LEU A 224 0.27 -3.39 22.15
C LEU A 224 -1.06 -2.69 22.34
N PRO A 225 -1.39 -2.25 23.57
CA PRO A 225 -2.66 -1.55 23.76
C PRO A 225 -2.73 -0.32 22.86
N LEU A 226 -3.84 -0.13 22.18
CA LEU A 226 -3.90 0.91 21.16
C LEU A 226 -3.95 2.32 21.74
N ASP A 227 -4.47 2.46 22.95
CA ASP A 227 -4.43 3.75 23.64
C ASP A 227 -2.98 4.13 23.91
N THR A 228 -2.18 3.14 24.31
CA THR A 228 -0.76 3.32 24.55
C THR A 228 -0.04 3.62 23.24
N PHE A 229 -0.37 2.87 22.21
CA PHE A 229 0.19 3.21 20.90
C PHE A 229 -0.02 4.68 20.51
N ALA A 230 -1.24 5.18 20.68
CA ALA A 230 -1.53 6.57 20.31
C ALA A 230 -0.71 7.58 21.14
N ARG A 231 -0.59 7.30 22.44
CA ARG A 231 0.27 8.10 23.30
C ARG A 231 1.72 8.08 22.81
N PHE A 232 2.23 6.88 22.52
CA PHE A 232 3.59 6.75 22.02
C PHE A 232 3.83 7.57 20.75
N SER A 233 2.81 7.69 19.90
CA SER A 233 2.94 8.35 18.61
C SER A 233 3.14 9.86 18.80
N GLN A 234 2.79 10.36 19.97
CA GLN A 234 2.99 11.76 20.36
CA GLN A 234 3.03 11.76 20.31
C GLN A 234 4.31 11.99 21.09
N ASN A 235 4.89 10.91 21.62
CA ASN A 235 6.06 11.01 22.49
C ASN A 235 7.30 11.25 21.67
N PRO A 236 7.95 12.40 21.86
CA PRO A 236 9.02 12.69 20.91
C PRO A 236 10.29 11.85 21.11
N ALA A 237 10.37 11.10 22.20
CA ALA A 237 11.47 10.17 22.44
C ALA A 237 11.32 8.86 21.66
N TYR A 238 10.13 8.63 21.11
CA TYR A 238 9.82 7.37 20.41
C TYR A 238 9.59 7.60 18.92
N HIS A 239 9.62 6.50 18.16
CA HIS A 239 9.15 6.50 16.79
C HIS A 239 7.99 5.51 16.67
N THR A 240 6.93 5.91 15.95
CA THR A 240 5.84 4.94 15.68
C THR A 240 5.46 4.98 14.20
N GLN A 241 4.83 3.91 13.73
CA GLN A 241 4.31 3.84 12.36
C GLN A 241 3.00 3.04 12.35
N LEU A 242 2.15 3.36 11.39
CA LEU A 242 0.90 2.60 11.16
C LEU A 242 0.83 2.46 9.65
N SER A 243 0.79 1.23 9.17
CA SER A 243 0.79 0.96 7.72
C SER A 243 -0.59 1.22 7.14
N GLN A 244 -0.66 1.21 5.81
CA GLN A 244 -1.95 1.10 5.14
C GLN A 244 -2.52 -0.30 5.41
N PRO A 245 -3.84 -0.46 5.33
CA PRO A 245 -4.38 -1.76 5.78
C PRO A 245 -3.85 -2.98 5.01
N ILE A 246 -3.76 -4.10 5.73
CA ILE A 246 -3.22 -5.34 5.17
C ILE A 246 -4.25 -6.47 5.05
N GLU A 247 -5.33 -6.43 5.83
CA GLU A 247 -6.29 -7.55 5.79
C GLU A 247 -7.56 -7.17 6.53
N THR A 248 -8.56 -8.04 6.43
CA THR A 248 -9.87 -7.79 7.03
C THR A 248 -10.03 -8.56 8.32
N VAL A 249 -10.61 -7.90 9.32
CA VAL A 249 -11.15 -8.58 10.52
C VAL A 249 -12.68 -8.57 10.42
N MET A 250 -13.29 -9.73 10.64
CA MET A 250 -14.74 -9.85 10.43
C MET A 250 -15.33 -10.90 11.34
N LEU A 251 -16.63 -10.92 11.47
CA LEU A 251 -17.28 -12.08 12.06
C LEU A 251 -17.67 -13.03 10.95
N ALA A 252 -17.60 -14.34 11.20
CA ALA A 252 -18.22 -15.33 10.32
C ALA A 252 -19.54 -15.72 10.97
N LEU A 253 -20.61 -15.71 10.20
CA LEU A 253 -21.94 -16.08 10.72
C LEU A 253 -22.33 -17.48 10.25
N ASN A 254 -22.86 -18.30 11.15
CA ASN A 254 -23.12 -19.69 10.78
C ASN A 254 -24.45 -19.89 10.05
N THR A 255 -24.38 -20.05 8.73
CA THR A 255 -25.57 -20.23 7.89
C THR A 255 -26.25 -21.58 8.11
N ALA A 256 -25.62 -22.45 8.89
CA ALA A 256 -26.12 -23.81 9.14
C ALA A 256 -26.69 -23.98 10.54
N LYS A 257 -26.78 -22.90 11.31
CA LYS A 257 -27.22 -22.98 12.70
C LYS A 257 -28.26 -21.92 12.99
N ALA A 258 -29.41 -22.31 13.55
CA ALA A 258 -30.39 -21.29 13.97
C ALA A 258 -29.78 -20.34 15.00
N PRO A 259 -30.11 -19.04 14.92
CA PRO A 259 -30.97 -18.34 14.00
C PRO A 259 -30.21 -17.66 12.86
N THR A 260 -28.88 -17.83 12.84
CA THR A 260 -28.05 -17.27 11.76
C THR A 260 -28.21 -18.03 10.44
N ASN A 261 -28.97 -19.13 10.45
CA ASN A 261 -29.30 -19.82 9.22
C ASN A 261 -30.26 -18.99 8.36
N GLU A 262 -30.92 -18.00 8.96
CA GLU A 262 -31.88 -17.16 8.25
C GLU A 262 -31.21 -15.96 7.60
N LEU A 263 -31.36 -15.84 6.29
CA LEU A 263 -30.79 -14.67 5.56
C LEU A 263 -31.20 -13.36 6.20
N ALA A 264 -32.46 -13.23 6.57
CA ALA A 264 -32.94 -11.95 7.13
C ALA A 264 -32.22 -11.59 8.43
N VAL A 265 -31.93 -12.59 9.26
CA VAL A 265 -31.18 -12.41 10.49
C VAL A 265 -29.79 -11.92 10.15
N ARG A 266 -29.12 -12.59 9.21
CA ARG A 266 -27.74 -12.19 8.88
C ARG A 266 -27.69 -10.79 8.27
N GLU A 267 -28.66 -10.48 7.42
CA GLU A 267 -28.77 -9.12 6.87
C GLU A 267 -28.95 -8.09 7.98
N ALA A 268 -29.83 -8.37 8.94
CA ALA A 268 -30.08 -7.43 10.02
C ALA A 268 -28.84 -7.21 10.86
N LEU A 269 -28.14 -8.29 11.19
CA LEU A 269 -26.89 -8.17 11.93
C LEU A 269 -25.90 -7.25 11.22
N ASN A 270 -25.86 -7.32 9.90
CA ASN A 270 -24.97 -6.50 9.09
C ASN A 270 -25.34 -5.01 9.01
N TYR A 271 -26.53 -4.66 9.49
CA TYR A 271 -26.93 -3.26 9.63
C TYR A 271 -26.83 -2.75 11.07
N ALA A 272 -26.58 -3.64 12.03
CA ALA A 272 -26.72 -3.31 13.44
C ALA A 272 -25.48 -2.66 14.08
N VAL A 273 -24.33 -2.75 13.43
CA VAL A 273 -23.08 -2.35 14.09
C VAL A 273 -22.57 -1.04 13.51
N ASN A 274 -22.39 -0.02 14.34
CA ASN A 274 -21.73 1.18 13.87
C ASN A 274 -20.25 0.91 13.95
N LYS A 275 -19.65 0.60 12.79
CA LYS A 275 -18.26 0.16 12.76
C LYS A 275 -17.28 1.28 13.09
N LYS A 276 -17.60 2.49 12.68
CA LYS A 276 -16.72 3.62 13.00
C LYS A 276 -16.64 3.79 14.52
N SER A 277 -17.79 3.69 15.19
CA SER A 277 -17.87 3.79 16.64
C SER A 277 -17.15 2.65 17.32
N LEU A 278 -17.25 1.45 16.76
CA LEU A 278 -16.56 0.30 17.31
C LEU A 278 -15.05 0.55 17.26
N ILE A 279 -14.59 1.03 16.11
CA ILE A 279 -13.17 1.34 15.92
C ILE A 279 -12.70 2.47 16.84
N ASP A 280 -13.51 3.51 16.97
CA ASP A 280 -13.13 4.65 17.82
C ASP A 280 -13.19 4.31 19.32
N ASN A 281 -14.03 3.35 19.67
CA ASN A 281 -14.28 2.92 21.06
C ASN A 281 -13.29 1.87 21.52
N ALA A 282 -13.13 0.82 20.71
CA ALA A 282 -12.28 -0.35 21.09
C ALA A 282 -10.90 -0.38 20.49
N LEU A 283 -10.70 0.28 19.35
N LEU A 283 -10.72 0.29 19.36
CA LEU A 283 -9.41 0.26 18.68
CA LEU A 283 -9.47 0.26 18.61
C LEU A 283 -8.77 1.63 18.61
C LEU A 283 -8.80 1.63 18.59
N TYR A 284 -9.29 2.53 19.45
CA TYR A 284 -8.71 3.88 19.62
C TYR A 284 -8.61 4.69 18.33
N GLY A 285 -9.56 4.45 17.43
CA GLY A 285 -9.59 5.11 16.13
C GLY A 285 -8.44 4.85 15.19
N THR A 286 -7.75 3.73 15.38
CA THR A 286 -6.52 3.45 14.63
C THR A 286 -6.69 2.64 13.35
N GLN A 287 -7.88 2.07 13.11
CA GLN A 287 -8.09 1.14 12.01
C GLN A 287 -9.20 1.69 11.08
N GLN A 288 -9.47 1.03 9.95
CA GLN A 288 -10.45 1.54 8.97
C GLN A 288 -11.70 0.68 8.95
N VAL A 289 -12.84 1.30 8.68
CA VAL A 289 -14.11 0.57 8.56
C VAL A 289 -14.06 -0.41 7.37
N ALA A 290 -14.54 -1.64 7.56
CA ALA A 290 -14.72 -2.59 6.44
C ALA A 290 -16.20 -2.86 6.15
N ASP A 291 -16.59 -2.74 4.90
CA ASP A 291 -18.00 -2.98 4.47
CA ASP A 291 -17.93 -3.09 4.55
C ASP A 291 -18.08 -4.27 3.61
N THR A 292 -16.98 -4.82 3.22
CA THR A 292 -16.92 -6.04 2.39
C THR A 292 -15.82 -6.98 2.85
N LEU A 293 -16.00 -8.27 2.57
CA LEU A 293 -15.00 -9.29 2.96
C LEU A 293 -13.56 -8.89 2.58
N PHE A 294 -13.38 -8.45 1.33
CA PHE A 294 -12.12 -7.86 0.89
C PHE A 294 -12.29 -6.39 0.60
N ALA A 295 -11.31 -5.61 1.01
CA ALA A 295 -11.29 -4.18 0.65
C ALA A 295 -11.29 -4.04 -0.87
N PRO A 296 -11.89 -2.95 -1.37
CA PRO A 296 -11.95 -2.76 -2.82
C PRO A 296 -10.58 -2.61 -3.49
N SER A 297 -9.51 -2.37 -2.71
CA SER A 297 -8.14 -2.36 -3.24
C SER A 297 -7.50 -3.76 -3.49
N VAL A 298 -8.19 -4.80 -3.05
CA VAL A 298 -7.71 -6.18 -3.20
C VAL A 298 -7.91 -6.65 -4.66
N PRO A 299 -6.93 -7.35 -5.21
CA PRO A 299 -7.08 -7.82 -6.60
C PRO A 299 -8.40 -8.56 -6.80
N TYR A 300 -9.06 -8.27 -7.93
CA TYR A 300 -10.33 -8.91 -8.32
C TYR A 300 -11.56 -8.54 -7.47
N ALA A 301 -11.40 -7.64 -6.50
CA ALA A 301 -12.44 -7.41 -5.53
C ALA A 301 -13.06 -6.03 -5.60
N ASN A 302 -12.75 -5.27 -6.65
CA ASN A 302 -13.38 -3.97 -6.82
C ASN A 302 -14.66 -4.16 -7.63
N LEU A 303 -15.75 -4.48 -6.93
CA LEU A 303 -16.95 -5.01 -7.58
C LEU A 303 -18.19 -4.15 -7.37
N GLY A 304 -18.04 -3.02 -6.68
CA GLY A 304 -19.18 -2.15 -6.41
C GLY A 304 -20.24 -2.79 -5.54
N LEU A 305 -19.82 -3.69 -4.64
CA LEU A 305 -20.74 -4.34 -3.70
C LEU A 305 -21.34 -3.27 -2.79
N LYS A 306 -22.62 -3.43 -2.47
CA LYS A 306 -23.33 -2.39 -1.72
C LYS A 306 -23.09 -2.59 -0.23
N PRO A 307 -22.50 -1.59 0.45
CA PRO A 307 -22.30 -1.69 1.89
C PRO A 307 -23.64 -1.71 2.61
N SER A 308 -23.71 -2.41 3.73
CA SER A 308 -24.84 -2.28 4.63
C SER A 308 -24.37 -1.28 5.69
N GLN A 309 -24.67 0.00 5.46
CA GLN A 309 -24.30 1.06 6.37
C GLN A 309 -25.11 0.93 7.66
N TYR A 310 -24.50 1.28 8.81
CA TYR A 310 -25.17 1.22 10.10
C TYR A 310 -26.54 1.88 10.02
N ASP A 311 -27.58 1.12 10.33
CA ASP A 311 -28.94 1.66 10.25
C ASP A 311 -29.86 0.76 11.05
N PRO A 312 -29.90 0.99 12.37
CA PRO A 312 -30.63 0.08 13.25
C PRO A 312 -32.12 0.00 12.92
N GLN A 313 -32.66 1.07 12.33
CA GLN A 313 -34.06 1.05 11.93
C GLN A 313 -34.32 -0.02 10.87
N LYS A 314 -33.42 -0.10 9.89
CA LYS A 314 -33.46 -1.13 8.88
C LYS A 314 -33.25 -2.52 9.48
N ALA A 315 -32.30 -2.65 10.41
CA ALA A 315 -32.08 -3.95 11.07
C ALA A 315 -33.35 -4.44 11.75
N LYS A 316 -34.00 -3.56 12.52
CA LYS A 316 -35.26 -3.96 13.16
C LYS A 316 -36.34 -4.34 12.14
N ALA A 317 -36.48 -3.55 11.08
CA ALA A 317 -37.47 -3.80 10.04
C ALA A 317 -37.27 -5.18 9.42
N LEU A 318 -36.00 -5.51 9.11
CA LEU A 318 -35.70 -6.84 8.56
C LEU A 318 -36.12 -7.98 9.50
N LEU A 319 -35.80 -7.83 10.78
CA LEU A 319 -36.18 -8.82 11.78
C LEU A 319 -37.72 -8.95 11.94
N GLU A 320 -38.40 -7.80 12.09
CA GLU A 320 -39.87 -7.77 12.15
C GLU A 320 -40.50 -8.50 10.97
N LYS A 321 -40.02 -8.21 9.76
CA LYS A 321 -40.57 -8.81 8.51
C LYS A 321 -40.40 -10.32 8.51
N ALA A 322 -39.31 -10.78 9.14
CA ALA A 322 -38.99 -12.18 9.24
C ALA A 322 -39.71 -12.88 10.40
N GLY A 323 -40.56 -12.16 11.15
CA GLY A 323 -41.30 -12.75 12.26
C GLY A 323 -40.62 -12.74 13.62
N TRP A 324 -39.52 -12.00 13.73
CA TRP A 324 -38.84 -11.83 14.99
C TRP A 324 -39.33 -10.53 15.62
N THR A 325 -40.32 -10.63 16.51
CA THR A 325 -40.92 -9.44 17.13
C THR A 325 -40.76 -9.44 18.65
N LEU A 326 -40.89 -8.29 19.23
CA LEU A 326 -40.68 -8.11 20.65
C LEU A 326 -41.93 -8.45 21.50
N PRO A 327 -41.79 -9.37 22.45
CA PRO A 327 -42.90 -9.69 23.37
C PRO A 327 -42.99 -8.67 24.50
N ALA A 328 -44.19 -8.38 24.98
CA ALA A 328 -44.34 -7.40 26.05
C ALA A 328 -43.93 -8.06 27.35
N GLY A 329 -42.96 -7.50 28.08
CA GLY A 329 -42.34 -6.23 27.83
C GLY A 329 -40.87 -6.59 27.85
N LYS A 330 -40.43 -7.23 26.79
CA LYS A 330 -39.10 -7.82 26.64
C LYS A 330 -38.31 -7.14 25.52
N ASP A 331 -37.02 -6.95 25.75
CA ASP A 331 -36.16 -6.32 24.76
C ASP A 331 -35.56 -7.30 23.75
N ILE A 332 -35.74 -8.59 24.00
CA ILE A 332 -35.22 -9.61 23.09
C ILE A 332 -36.35 -10.23 22.28
N ARG A 333 -36.17 -10.23 20.96
CA ARG A 333 -37.21 -10.69 20.03
C ARG A 333 -37.44 -12.20 20.14
N GLU A 334 -38.65 -12.61 19.78
CA GLU A 334 -38.99 -14.02 19.76
C GLU A 334 -39.67 -14.33 18.45
N LYS A 335 -39.48 -15.56 17.97
CA LYS A 335 -40.21 -16.09 16.81
C LYS A 335 -40.70 -17.46 17.26
N ASN A 336 -41.99 -17.55 17.52
CA ASN A 336 -42.64 -18.67 18.20
CA ASN A 336 -42.71 -18.61 18.24
C ASN A 336 -41.98 -19.03 19.52
N GLY A 337 -42.13 -18.07 20.45
CA GLY A 337 -41.62 -18.26 21.81
C GLY A 337 -40.13 -18.50 21.94
N GLN A 338 -39.43 -18.68 20.81
CA GLN A 338 -37.98 -18.89 20.78
C GLN A 338 -37.26 -17.55 20.66
N PRO A 339 -36.43 -17.19 21.66
CA PRO A 339 -35.71 -15.91 21.61
C PRO A 339 -34.66 -15.84 20.51
N LEU A 340 -34.41 -14.64 20.01
CA LEU A 340 -33.36 -14.39 19.03
C LEU A 340 -32.05 -14.38 19.80
N ARG A 341 -31.44 -15.55 19.93
CA ARG A 341 -30.23 -15.70 20.71
C ARG A 341 -29.12 -16.26 19.81
N ILE A 342 -27.94 -15.67 19.92
CA ILE A 342 -26.79 -16.02 19.08
C ILE A 342 -25.54 -16.04 19.95
N GLU A 343 -24.74 -17.11 19.86
CA GLU A 343 -23.52 -17.21 20.65
C GLU A 343 -22.33 -16.69 19.84
N LEU A 344 -21.60 -15.76 20.45
CA LEU A 344 -20.39 -15.20 19.84
C LEU A 344 -19.18 -15.72 20.61
N SER A 345 -18.37 -16.54 19.95
CA SER A 345 -17.20 -17.10 20.60
C SER A 345 -15.93 -16.40 20.16
N PHE A 346 -15.04 -16.24 21.13
CA PHE A 346 -13.81 -15.50 20.96
C PHE A 346 -12.81 -15.99 22.00
N ILE A 347 -11.55 -15.63 21.78
CA ILE A 347 -10.49 -16.01 22.72
C ILE A 347 -10.60 -15.17 24.00
N GLY A 348 -10.96 -15.84 25.09
CA GLY A 348 -11.34 -15.18 26.34
C GLY A 348 -10.29 -14.32 27.02
N THR A 349 -9.03 -14.64 26.80
CA THR A 349 -7.94 -13.93 27.47
C THR A 349 -7.41 -12.77 26.64
N ASP A 350 -7.97 -12.62 25.44
CA ASP A 350 -7.61 -11.54 24.52
C ASP A 350 -8.48 -10.32 24.83
N ALA A 351 -7.92 -9.35 25.54
CA ALA A 351 -8.66 -8.14 25.95
C ALA A 351 -9.31 -7.39 24.79
N LEU A 352 -8.61 -7.31 23.67
CA LEU A 352 -9.13 -6.56 22.54
C LEU A 352 -10.32 -7.29 21.91
N SER A 353 -10.18 -8.61 21.72
CA SER A 353 -11.30 -9.40 21.23
C SER A 353 -12.51 -9.28 22.17
N LYS A 354 -12.26 -9.30 23.48
CA LYS A 354 -13.36 -9.24 24.43
C LYS A 354 -14.07 -7.91 24.31
N SER A 355 -13.29 -6.84 24.16
CA SER A 355 -13.87 -5.51 24.12
C SER A 355 -14.69 -5.36 22.84
N MET A 356 -14.16 -5.86 21.71
CA MET A 356 -14.96 -5.84 20.48
C MET A 356 -16.22 -6.70 20.64
N ALA A 357 -16.10 -7.88 21.23
CA ALA A 357 -17.29 -8.73 21.43
C ALA A 357 -18.37 -7.99 22.26
N GLU A 358 -17.94 -7.27 23.29
CA GLU A 358 -18.87 -6.52 24.12
C GLU A 358 -19.61 -5.41 23.36
N ILE A 359 -18.89 -4.70 22.49
CA ILE A 359 -19.53 -3.70 21.62
C ILE A 359 -20.57 -4.34 20.71
N ILE A 360 -20.20 -5.46 20.09
CA ILE A 360 -21.10 -6.15 19.17
C ILE A 360 -22.34 -6.61 19.91
N GLN A 361 -22.14 -7.19 21.09
CA GLN A 361 -23.26 -7.62 21.93
C GLN A 361 -24.18 -6.45 22.27
N ALA A 362 -23.59 -5.31 22.64
CA ALA A 362 -24.39 -4.12 22.96
C ALA A 362 -25.17 -3.61 21.74
N ASP A 363 -24.50 -3.50 20.60
CA ASP A 363 -25.17 -3.00 19.42
C ASP A 363 -26.31 -3.95 19.01
N MET A 364 -26.07 -5.23 19.09
CA MET A 364 -27.12 -6.16 18.62
CA MET A 364 -27.14 -6.09 18.66
C MET A 364 -28.34 -6.07 19.63
N ARG A 365 -27.93 -5.92 20.88
CA ARG A 365 -29.04 -5.84 21.87
C ARG A 365 -30.01 -4.69 21.55
N GLN A 366 -29.47 -3.60 21.01
CA GLN A 366 -30.27 -2.44 20.64
C GLN A 366 -31.24 -2.74 19.51
N ILE A 367 -31.02 -3.82 18.77
CA ILE A 367 -31.99 -4.23 17.75
C ILE A 367 -32.74 -5.53 18.13
N GLY A 368 -32.60 -5.95 19.38
CA GLY A 368 -33.44 -7.04 19.91
C GLY A 368 -32.87 -8.43 19.72
N ALA A 369 -31.56 -8.51 19.48
CA ALA A 369 -30.84 -9.78 19.41
C ALA A 369 -29.99 -9.95 20.67
N ASP A 370 -30.10 -11.13 21.30
CA ASP A 370 -29.36 -11.47 22.51
C ASP A 370 -28.13 -12.26 22.13
N VAL A 371 -26.99 -11.57 22.13
CA VAL A 371 -25.73 -12.21 21.83
C VAL A 371 -25.14 -12.64 23.17
N SER A 372 -24.84 -13.93 23.25
CA SER A 372 -24.16 -14.52 24.39
C SER A 372 -22.70 -14.62 24.09
N LEU A 373 -21.88 -14.09 24.99
CA LEU A 373 -20.44 -14.11 24.84
C LEU A 373 -19.86 -15.39 25.42
N ILE A 374 -19.12 -16.12 24.59
CA ILE A 374 -18.48 -17.38 24.98
C ILE A 374 -16.98 -17.16 24.81
N GLY A 375 -16.31 -16.70 25.85
CA GLY A 375 -14.86 -16.52 25.83
C GLY A 375 -14.15 -17.78 26.33
N GLU A 376 -13.30 -18.34 25.47
CA GLU A 376 -12.65 -19.62 25.75
C GLU A 376 -11.17 -19.56 25.38
N GLU A 377 -10.42 -20.55 25.83
CA GLU A 377 -9.00 -20.63 25.37
CA GLU A 377 -9.08 -20.77 25.36
C GLU A 377 -8.88 -20.79 23.84
N GLU A 378 -7.72 -20.42 23.35
CA GLU A 378 -7.41 -20.45 21.92
C GLU A 378 -7.76 -21.80 21.28
N SER A 379 -7.35 -22.89 21.92
CA SER A 379 -7.55 -24.20 21.31
C SER A 379 -9.04 -24.52 21.13
N SER A 380 -9.85 -24.15 22.11
CA SER A 380 -11.28 -24.40 22.04
C SER A 380 -11.91 -23.57 20.92
N ILE A 381 -11.44 -22.34 20.75
CA ILE A 381 -11.97 -21.48 19.70
C ILE A 381 -11.61 -22.03 18.32
N TYR A 382 -10.36 -22.48 18.16
CA TYR A 382 -9.96 -23.12 16.89
C TYR A 382 -10.75 -24.40 16.64
N ALA A 383 -10.98 -25.18 17.69
CA ALA A 383 -11.81 -26.39 17.54
C ALA A 383 -13.23 -26.03 17.06
N ARG A 384 -13.81 -24.97 17.62
CA ARG A 384 -15.13 -24.52 17.18
C ARG A 384 -15.15 -24.10 15.71
N GLN A 385 -14.10 -23.38 15.29
CA GLN A 385 -13.99 -22.94 13.90
C GLN A 385 -13.99 -24.15 12.96
N ARG A 386 -13.20 -25.15 13.33
CA ARG A 386 -12.99 -26.32 12.46
C ARG A 386 -14.23 -27.18 12.34
N ASP A 387 -15.09 -27.18 13.36
CA ASP A 387 -16.23 -28.08 13.35
C ASP A 387 -17.59 -27.38 13.29
N GLY A 388 -17.56 -26.06 13.16
CA GLY A 388 -18.80 -25.30 13.01
C GLY A 388 -19.61 -25.17 14.30
N ARG A 389 -18.95 -25.30 15.45
CA ARG A 389 -19.64 -25.16 16.74
C ARG A 389 -19.61 -23.70 17.18
N PHE A 390 -20.28 -22.86 16.38
CA PHE A 390 -20.38 -21.44 16.66
C PHE A 390 -21.61 -20.85 16.00
N GLY A 391 -22.08 -19.73 16.56
CA GLY A 391 -23.13 -18.92 15.95
C GLY A 391 -22.44 -17.85 15.13
N MET A 392 -21.67 -17.02 15.81
CA MET A 392 -20.74 -16.05 15.20
C MET A 392 -19.37 -16.25 15.81
N ILE A 393 -18.33 -16.00 15.02
CA ILE A 393 -16.99 -16.19 15.52
C ILE A 393 -16.10 -15.14 14.87
N PHE A 394 -15.14 -14.58 15.61
CA PHE A 394 -14.19 -13.64 15.01
C PHE A 394 -13.31 -14.38 14.01
N HIS A 395 -12.95 -13.69 12.95
CA HIS A 395 -12.15 -14.32 11.89
C HIS A 395 -11.38 -13.21 11.21
N ARG A 396 -10.46 -13.56 10.33
CA ARG A 396 -9.74 -12.53 9.59
C ARG A 396 -9.23 -13.13 8.32
N THR A 397 -8.98 -12.28 7.34
CA THR A 397 -8.33 -12.73 6.11
C THR A 397 -6.81 -12.74 6.29
N TRP A 398 -6.10 -13.04 5.23
CA TRP A 398 -4.70 -13.46 5.39
C TRP A 398 -3.67 -12.47 4.87
N GLY A 399 -4.13 -11.43 4.16
CA GLY A 399 -3.26 -10.42 3.59
C GLY A 399 -2.57 -10.91 2.32
N ALA A 400 -1.80 -10.04 1.68
CA ALA A 400 -1.07 -10.43 0.46
C ALA A 400 0.00 -11.48 0.82
N PRO A 401 0.22 -12.47 -0.08
CA PRO A 401 -0.40 -12.67 -1.38
C PRO A 401 -1.56 -13.66 -1.32
N TYR A 402 -2.07 -13.92 -0.12
CA TYR A 402 -3.15 -14.90 0.06
C TYR A 402 -4.50 -14.38 -0.37
N ASP A 403 -4.70 -13.08 -0.24
CA ASP A 403 -6.02 -12.48 -0.48
C ASP A 403 -6.10 -11.98 -1.94
N PRO A 404 -7.13 -12.41 -2.71
CA PRO A 404 -8.22 -13.27 -2.30
C PRO A 404 -8.04 -14.77 -2.63
N HIS A 405 -7.10 -15.13 -3.49
CA HIS A 405 -7.19 -16.46 -4.14
C HIS A 405 -7.04 -17.62 -3.14
N ALA A 406 -6.09 -17.51 -2.20
CA ALA A 406 -5.81 -18.58 -1.27
C ALA A 406 -6.84 -18.67 -0.18
N PHE A 407 -7.28 -17.50 0.28
CA PHE A 407 -8.38 -17.46 1.24
C PHE A 407 -9.64 -18.09 0.65
N LEU A 408 -9.95 -17.75 -0.61
CA LEU A 408 -11.10 -18.37 -1.26
C LEU A 408 -10.90 -19.87 -1.45
N SER A 409 -9.73 -20.26 -1.94
CA SER A 409 -9.40 -21.68 -2.12
C SER A 409 -9.76 -22.48 -0.87
N SER A 410 -9.34 -21.95 0.29
CA SER A 410 -9.50 -22.63 1.59
CA SER A 410 -9.49 -22.66 1.57
C SER A 410 -10.96 -22.74 2.06
N MET A 411 -11.85 -21.99 1.44
CA MET A 411 -13.28 -22.05 1.81
C MET A 411 -13.86 -23.41 1.47
N ARG A 412 -13.13 -24.17 0.64
CA ARG A 412 -13.55 -25.52 0.24
C ARG A 412 -13.13 -26.58 1.24
N VAL A 413 -12.25 -26.22 2.16
CA VAL A 413 -11.71 -27.20 3.12
C VAL A 413 -12.70 -27.30 4.29
N PRO A 414 -13.31 -28.48 4.52
CA PRO A 414 -14.39 -28.53 5.53
C PRO A 414 -13.95 -28.21 6.95
N SER A 415 -12.69 -28.45 7.28
CA SER A 415 -12.16 -28.21 8.61
C SER A 415 -11.65 -26.78 8.82
N HIS A 416 -12.27 -25.82 8.15
CA HIS A 416 -11.94 -24.40 8.30
C HIS A 416 -13.21 -23.63 8.63
N ALA A 417 -13.07 -22.50 9.32
CA ALA A 417 -14.24 -21.69 9.71
C ALA A 417 -15.12 -21.27 8.54
N ASP A 418 -14.50 -20.97 7.41
CA ASP A 418 -15.29 -20.43 6.28
C ASP A 418 -16.20 -21.47 5.67
N PHE A 419 -15.70 -22.69 5.47
CA PHE A 419 -16.56 -23.76 4.97
C PHE A 419 -17.72 -23.96 5.94
N GLN A 420 -17.38 -24.03 7.23
CA GLN A 420 -18.39 -24.27 8.25
C GLN A 420 -19.44 -23.18 8.26
N ALA A 421 -19.01 -21.91 8.18
CA ALA A 421 -19.99 -20.80 8.14
C ALA A 421 -20.89 -20.85 6.92
N GLN A 422 -20.36 -21.34 5.80
CA GLN A 422 -21.08 -21.33 4.52
C GLN A 422 -21.89 -22.60 4.28
N GLN A 423 -21.80 -23.55 5.20
CA GLN A 423 -22.23 -24.92 4.93
C GLN A 423 -23.73 -24.98 4.68
N GLY A 424 -24.46 -24.04 5.29
CA GLY A 424 -25.91 -24.00 5.17
C GLY A 424 -26.46 -23.36 3.91
N LEU A 425 -25.59 -22.83 3.04
CA LEU A 425 -26.05 -22.11 1.85
C LEU A 425 -26.48 -23.08 0.75
N ALA A 426 -27.66 -22.84 0.17
CA ALA A 426 -28.13 -23.63 -0.97
C ALA A 426 -27.10 -23.63 -2.11
N ASP A 427 -26.39 -22.52 -2.25
CA ASP A 427 -25.41 -22.38 -3.36
CA ASP A 427 -25.42 -22.37 -3.32
C ASP A 427 -23.98 -22.72 -2.93
N LYS A 428 -23.76 -23.28 -1.78
CA LYS A 428 -22.39 -23.67 -1.39
C LYS A 428 -21.70 -24.59 -2.42
N PRO A 429 -22.42 -25.61 -2.94
CA PRO A 429 -21.71 -26.43 -3.95
C PRO A 429 -21.30 -25.64 -5.19
N LEU A 430 -22.16 -24.73 -5.65
CA LEU A 430 -21.83 -23.92 -6.81
C LEU A 430 -20.60 -23.01 -6.51
N ILE A 431 -20.59 -22.43 -5.32
CA ILE A 431 -19.46 -21.58 -4.91
C ILE A 431 -18.16 -22.37 -4.92
N ASP A 432 -18.18 -23.57 -4.33
CA ASP A 432 -16.96 -24.37 -4.28
C ASP A 432 -16.50 -24.81 -5.66
N LYS A 433 -17.45 -25.11 -6.55
CA LYS A 433 -17.16 -25.44 -7.94
C LYS A 433 -16.50 -24.27 -8.63
N GLU A 434 -17.05 -23.07 -8.44
CA GLU A 434 -16.51 -21.85 -9.03
C GLU A 434 -15.13 -21.48 -8.50
N ILE A 435 -14.90 -21.73 -7.20
CA ILE A 435 -13.56 -21.51 -6.61
C ILE A 435 -12.55 -22.43 -7.31
N GLY A 436 -12.88 -23.70 -7.47
CA GLY A 436 -12.02 -24.59 -8.23
C GLY A 436 -11.73 -24.09 -9.64
N GLU A 437 -12.78 -23.66 -10.34
CA GLU A 437 -12.63 -23.19 -11.72
C GLU A 437 -11.76 -21.96 -11.79
N VAL A 438 -11.97 -21.02 -10.87
CA VAL A 438 -11.26 -19.75 -10.97
C VAL A 438 -9.74 -19.92 -10.88
N LEU A 439 -9.31 -20.89 -10.09
CA LEU A 439 -7.89 -21.11 -9.83
C LEU A 439 -7.17 -21.68 -11.05
N ALA A 440 -7.94 -22.26 -11.95
CA ALA A 440 -7.35 -22.89 -13.15
C ALA A 440 -7.69 -22.15 -14.44
N THR A 441 -8.30 -21.00 -14.31
CA THR A 441 -8.69 -20.21 -15.43
C THR A 441 -7.51 -19.39 -15.94
N HIS A 442 -7.31 -19.29 -17.24
CA HIS A 442 -6.33 -18.39 -17.83
C HIS A 442 -7.01 -17.41 -18.78
N ASP A 443 -8.28 -17.68 -19.03
CA ASP A 443 -9.17 -16.70 -19.66
C ASP A 443 -9.39 -15.63 -18.60
N GLU A 444 -8.77 -14.46 -18.78
CA GLU A 444 -8.83 -13.41 -17.75
C GLU A 444 -10.25 -12.88 -17.55
N THR A 445 -11.06 -12.90 -18.60
CA THR A 445 -12.44 -12.41 -18.51
C THR A 445 -13.26 -13.34 -17.61
N GLN A 446 -13.13 -14.63 -17.87
CA GLN A 446 -13.78 -15.65 -17.04
C GLN A 446 -13.28 -15.61 -15.59
N ARG A 447 -12.00 -15.40 -15.38
CA ARG A 447 -11.46 -15.32 -14.04
C ARG A 447 -12.13 -14.19 -13.24
N GLN A 448 -12.18 -13.01 -13.83
CA GLN A 448 -12.84 -11.88 -13.16
C GLN A 448 -14.31 -12.15 -12.89
N ALA A 449 -14.97 -12.79 -13.85
CA ALA A 449 -16.38 -13.14 -13.74
C ALA A 449 -16.65 -14.11 -12.59
N LEU A 450 -15.76 -15.09 -12.44
CA LEU A 450 -15.90 -16.07 -11.38
C LEU A 450 -15.64 -15.43 -10.02
N TYR A 451 -14.56 -14.65 -9.90
CA TYR A 451 -14.35 -13.92 -8.64
C TYR A 451 -15.52 -13.01 -8.31
N ARG A 452 -16.06 -12.31 -9.32
CA ARG A 452 -17.24 -11.48 -9.06
C ARG A 452 -18.40 -12.33 -8.52
N ASP A 453 -18.66 -13.47 -9.15
CA ASP A 453 -19.81 -14.26 -8.72
C ASP A 453 -19.62 -14.83 -7.28
N ILE A 454 -18.42 -15.31 -7.00
CA ILE A 454 -18.13 -15.89 -5.70
C ILE A 454 -18.29 -14.82 -4.62
N LEU A 455 -17.63 -13.67 -4.82
CA LEU A 455 -17.65 -12.62 -3.83
C LEU A 455 -19.02 -11.96 -3.69
N THR A 456 -19.75 -11.84 -4.82
CA THR A 456 -21.06 -11.26 -4.75
C THR A 456 -22.04 -12.19 -4.02
N ARG A 457 -21.95 -13.49 -4.29
CA ARG A 457 -22.82 -14.41 -3.53
C ARG A 457 -22.50 -14.34 -2.03
N LEU A 458 -21.22 -14.33 -1.67
CA LEU A 458 -20.86 -14.30 -0.27
C LEU A 458 -21.31 -13.01 0.42
N HIS A 459 -21.23 -11.90 -0.32
CA HIS A 459 -21.71 -10.61 0.14
C HIS A 459 -23.24 -10.61 0.28
N ASP A 460 -23.94 -10.97 -0.79
CA ASP A 460 -25.41 -10.95 -0.81
C ASP A 460 -26.04 -11.93 0.17
N GLU A 461 -25.35 -13.04 0.45
CA GLU A 461 -25.81 -14.02 1.43
C GLU A 461 -25.46 -13.66 2.86
N ALA A 462 -24.74 -12.55 3.03
CA ALA A 462 -24.41 -12.02 4.36
C ALA A 462 -23.73 -13.08 5.24
N VAL A 463 -22.80 -13.80 4.65
CA VAL A 463 -22.05 -14.84 5.35
C VAL A 463 -21.15 -14.23 6.43
N TYR A 464 -20.60 -13.06 6.12
CA TYR A 464 -19.69 -12.36 7.05
C TYR A 464 -20.30 -11.08 7.58
N LEU A 465 -19.71 -10.58 8.67
CA LEU A 465 -19.98 -9.22 9.15
C LEU A 465 -18.62 -8.54 9.18
N PRO A 466 -18.24 -7.87 8.05
CA PRO A 466 -16.92 -7.24 8.02
C PRO A 466 -16.87 -6.14 9.05
N ILE A 467 -15.75 -6.04 9.76
CA ILE A 467 -15.65 -5.03 10.80
C ILE A 467 -14.62 -3.98 10.43
N SER A 468 -13.37 -4.40 10.18
CA SER A 468 -12.31 -3.42 9.94
CA SER A 468 -12.28 -3.44 9.99
C SER A 468 -11.23 -3.95 9.00
N TYR A 469 -10.59 -3.04 8.28
CA TYR A 469 -9.35 -3.38 7.54
C TYR A 469 -8.24 -2.88 8.47
N ILE A 470 -7.48 -3.83 8.99
CA ILE A 470 -6.47 -3.50 9.98
C ILE A 470 -5.08 -3.30 9.38
N SER A 471 -4.22 -2.64 10.16
CA SER A 471 -2.90 -2.26 9.73
C SER A 471 -1.80 -2.92 10.55
N MET A 472 -0.60 -2.94 9.98
CA MET A 472 0.62 -3.24 10.73
C MET A 472 1.02 -2.00 11.49
N MET A 473 1.59 -2.21 12.66
CA MET A 473 2.07 -1.07 13.43
C MET A 473 3.47 -1.33 13.96
N VAL A 474 4.15 -0.24 14.28
CA VAL A 474 5.55 -0.27 14.67
C VAL A 474 5.79 0.72 15.80
N VAL A 475 6.57 0.32 16.80
CA VAL A 475 7.03 1.23 17.83
C VAL A 475 8.53 0.95 17.90
N SER A 476 9.36 1.99 17.79
CA SER A 476 10.79 1.77 17.70
C SER A 476 11.62 2.88 18.35
N LYS A 477 12.84 2.54 18.76
CA LYS A 477 13.78 3.60 19.13
C LYS A 477 14.14 4.40 17.87
N PRO A 478 14.20 5.74 17.98
CA PRO A 478 14.43 6.56 16.78
C PRO A 478 15.69 6.19 16.00
N GLU A 479 16.73 5.75 16.70
CA GLU A 479 18.01 5.40 16.06
C GLU A 479 17.88 4.32 15.00
N LEU A 480 16.85 3.49 15.09
CA LEU A 480 16.66 2.44 14.10
C LEU A 480 16.17 2.96 12.74
N GLY A 481 15.68 4.19 12.72
CA GLY A 481 15.19 4.79 11.49
C GLY A 481 13.82 4.32 11.05
N ASN A 482 13.48 4.62 9.79
CA ASN A 482 12.22 4.17 9.21
C ASN A 482 12.20 2.65 9.08
N ILE A 483 11.12 2.02 9.56
CA ILE A 483 11.02 0.56 9.54
C ILE A 483 10.14 0.11 8.37
N PRO A 484 10.73 -0.63 7.42
CA PRO A 484 9.97 -1.03 6.23
C PRO A 484 8.93 -2.12 6.48
N TYR A 485 7.96 -2.23 5.57
CA TYR A 485 6.96 -3.33 5.57
C TYR A 485 7.29 -4.30 4.43
N ALA A 486 7.00 -5.57 4.65
CA ALA A 486 7.22 -6.58 3.60
C ALA A 486 6.00 -6.73 2.68
N PRO A 487 6.24 -7.09 1.41
CA PRO A 487 5.15 -7.37 0.48
C PRO A 487 4.20 -8.44 1.02
N ILE A 488 4.75 -9.47 1.65
CA ILE A 488 3.93 -10.52 2.28
C ILE A 488 3.57 -10.08 3.69
N ALA A 489 2.27 -10.00 3.97
CA ALA A 489 1.79 -9.38 5.21
C ALA A 489 2.32 -10.05 6.44
N THR A 490 2.58 -11.35 6.36
CA THR A 490 3.04 -12.15 7.50
CA THR A 490 3.02 -12.09 7.54
C THR A 490 4.53 -12.09 7.72
N GLU A 491 5.26 -11.47 6.80
CA GLU A 491 6.71 -11.40 6.91
C GLU A 491 7.14 -10.10 7.59
N ILE A 492 8.33 -10.12 8.17
CA ILE A 492 8.92 -8.90 8.77
C ILE A 492 10.31 -8.70 8.13
N PRO A 493 10.49 -7.60 7.41
CA PRO A 493 11.68 -7.40 6.57
C PRO A 493 12.90 -6.89 7.34
N PHE A 494 13.38 -7.68 8.28
CA PHE A 494 14.51 -7.23 9.13
C PHE A 494 15.77 -6.86 8.33
N GLU A 495 15.99 -7.53 7.20
CA GLU A 495 17.16 -7.29 6.37
C GLU A 495 17.10 -5.95 5.63
N GLN A 496 15.95 -5.28 5.73
CA GLN A 496 15.77 -3.96 5.09
C GLN A 496 15.95 -2.81 6.08
N ILE A 497 16.08 -3.12 7.37
CA ILE A 497 16.29 -2.08 8.38
C ILE A 497 17.72 -1.55 8.25
N LYS A 498 17.85 -0.23 8.16
CA LYS A 498 19.11 0.41 7.84
C LYS A 498 19.20 1.72 8.60
N PRO A 499 19.62 1.64 9.87
CA PRO A 499 19.91 2.83 10.67
C PRO A 499 21.11 3.50 10.04
N PRO B 3 -3.64 -7.46 -30.56
CA PRO B 3 -3.62 -8.69 -29.75
C PRO B 3 -2.66 -8.54 -28.58
N ASP B 4 -1.38 -8.26 -28.90
CA ASP B 4 -0.37 -7.84 -27.93
C ASP B 4 -0.01 -6.36 -28.15
N GLU B 5 -1.02 -5.63 -28.64
CA GLU B 5 -0.97 -4.18 -28.75
C GLU B 5 -2.10 -3.64 -27.92
N ILE B 6 -1.85 -2.56 -27.18
CA ILE B 6 -2.91 -1.90 -26.43
C ILE B 6 -3.03 -0.42 -26.78
N THR B 7 -4.21 0.12 -26.53
CA THR B 7 -4.43 1.53 -26.69
C THR B 7 -4.92 2.11 -25.37
N THR B 8 -4.36 3.24 -24.99
CA THR B 8 -4.75 3.90 -23.76
C THR B 8 -4.94 5.40 -24.01
N ALA B 9 -5.02 6.20 -22.95
CA ALA B 9 -5.24 7.62 -23.12
C ALA B 9 -4.46 8.42 -22.09
N TRP B 10 -4.23 9.68 -22.43
CA TRP B 10 -3.64 10.66 -21.51
C TRP B 10 -4.21 12.03 -21.87
N PRO B 11 -4.30 12.97 -20.91
CA PRO B 11 -4.93 14.27 -21.24
C PRO B 11 -4.11 15.16 -22.19
N VAL B 12 -2.82 14.88 -22.33
CA VAL B 12 -1.91 15.65 -23.16
C VAL B 12 -0.94 14.70 -23.86
N ASN B 13 -0.23 15.20 -24.88
CA ASN B 13 0.88 14.44 -25.45
C ASN B 13 1.94 14.16 -24.40
N VAL B 14 2.76 13.16 -24.68
CA VAL B 14 3.84 12.81 -23.76
C VAL B 14 4.97 13.86 -23.73
N GLY B 15 5.02 14.71 -24.76
CA GLY B 15 6.12 15.69 -24.92
C GLY B 15 7.28 15.15 -25.75
N PRO B 16 8.39 15.90 -25.85
CA PRO B 16 9.54 15.45 -26.66
C PRO B 16 10.38 14.37 -25.99
N LEU B 17 10.10 14.14 -24.72
CA LEU B 17 10.83 13.19 -23.87
C LEU B 17 12.30 13.58 -23.75
N ASN B 18 12.53 14.85 -23.42
CA ASN B 18 13.83 15.24 -22.93
C ASN B 18 13.91 14.70 -21.51
N PRO B 19 14.91 13.85 -21.20
CA PRO B 19 14.96 13.25 -19.86
C PRO B 19 15.23 14.26 -18.74
N HIS B 20 15.72 15.45 -19.11
CA HIS B 20 16.28 16.39 -18.14
C HIS B 20 15.45 17.65 -17.96
N LEU B 21 14.28 17.69 -18.60
CA LEU B 21 13.42 18.85 -18.48
C LEU B 21 12.03 18.46 -18.02
N TYR B 22 11.20 19.45 -17.82
CA TYR B 22 9.94 19.31 -17.16
C TYR B 22 8.74 19.48 -18.10
N THR B 23 7.64 20.06 -17.63
CA THR B 23 6.50 20.18 -18.56
C THR B 23 7.00 20.84 -19.85
N PRO B 24 6.55 20.40 -21.03
CA PRO B 24 5.46 19.48 -21.37
C PRO B 24 5.78 17.99 -21.30
N ASN B 25 7.00 17.64 -20.91
CA ASN B 25 7.36 16.22 -20.74
C ASN B 25 6.51 15.62 -19.65
N GLN B 26 5.95 14.44 -19.92
CA GLN B 26 5.16 13.70 -18.92
C GLN B 26 6.07 12.67 -18.24
N MET B 27 6.11 12.70 -16.91
N MET B 27 6.14 12.71 -16.91
CA MET B 27 7.00 11.84 -16.10
CA MET B 27 7.02 11.84 -16.13
C MET B 27 6.84 10.35 -16.42
C MET B 27 6.85 10.36 -16.44
N PHE B 28 5.59 9.89 -16.57
CA PHE B 28 5.37 8.45 -16.75
C PHE B 28 6.03 8.01 -18.06
N ALA B 29 6.02 8.89 -19.06
CA ALA B 29 6.57 8.58 -20.39
C ALA B 29 8.10 8.68 -20.38
N GLN B 30 8.63 9.66 -19.66
CA GLN B 30 10.07 9.72 -19.46
C GLN B 30 10.53 8.41 -18.80
N SER B 31 9.73 7.90 -17.86
CA SER B 31 10.10 6.64 -17.18
C SER B 31 9.96 5.39 -18.06
N MET B 32 9.18 5.49 -19.12
CA MET B 32 9.05 4.36 -20.07
C MET B 32 10.32 4.19 -20.90
N VAL B 33 10.99 5.31 -21.17
CA VAL B 33 12.13 5.35 -22.11
C VAL B 33 13.50 5.40 -21.38
N TYR B 34 13.53 6.15 -20.29
CA TYR B 34 14.75 6.38 -19.56
C TYR B 34 14.79 5.68 -18.22
N GLU B 35 16.00 5.30 -17.82
CA GLU B 35 16.20 4.45 -16.66
C GLU B 35 17.18 5.08 -15.66
N PRO B 36 17.02 4.75 -14.36
CA PRO B 36 17.90 5.25 -13.31
C PRO B 36 19.03 4.27 -12.95
N LEU B 37 20.01 4.79 -12.22
CA LEU B 37 21.09 3.96 -11.68
C LEU B 37 20.57 2.93 -10.70
N VAL B 38 19.57 3.33 -9.90
CA VAL B 38 18.97 2.46 -8.86
C VAL B 38 17.45 2.61 -8.97
N LYS B 39 16.69 1.57 -8.61
CA LYS B 39 15.25 1.55 -8.88
C LYS B 39 14.45 1.50 -7.59
N TYR B 40 13.46 2.38 -7.48
CA TYR B 40 12.63 2.48 -6.28
C TYR B 40 11.74 1.29 -6.07
N GLN B 41 11.66 0.84 -4.82
CA GLN B 41 10.83 -0.30 -4.42
C GLN B 41 9.73 0.15 -3.46
N ALA B 42 8.60 -0.56 -3.48
CA ALA B 42 7.44 -0.19 -2.66
C ALA B 42 7.72 -0.06 -1.17
N ASP B 43 8.69 -0.82 -0.64
CA ASP B 43 9.06 -0.71 0.78
C ASP B 43 9.95 0.49 1.12
N GLY B 44 10.31 1.28 0.10
CA GLY B 44 11.09 2.50 0.32
C GLY B 44 12.57 2.35 0.02
N SER B 45 12.99 1.13 -0.25
CA SER B 45 14.38 0.87 -0.59
C SER B 45 14.61 1.07 -2.09
N VAL B 46 15.85 0.92 -2.51
CA VAL B 46 16.14 0.81 -3.93
C VAL B 46 16.86 -0.51 -4.20
N ILE B 47 16.76 -0.97 -5.43
CA ILE B 47 17.52 -2.11 -5.91
C ILE B 47 18.49 -1.63 -7.00
N PRO B 48 19.61 -2.35 -7.18
CA PRO B 48 20.52 -2.08 -8.28
C PRO B 48 19.74 -2.03 -9.57
N TRP B 49 20.09 -1.15 -10.49
CA TRP B 49 19.43 -1.10 -11.78
C TRP B 49 20.54 -0.91 -12.85
N LEU B 50 20.62 0.25 -13.47
CA LEU B 50 21.71 0.49 -14.40
C LEU B 50 23.07 0.34 -13.70
N ALA B 51 23.11 0.68 -12.40
CA ALA B 51 24.27 0.39 -11.55
C ALA B 51 24.10 -0.98 -10.89
N LYS B 52 25.06 -1.87 -11.10
CA LYS B 52 24.98 -3.23 -10.58
C LYS B 52 25.29 -3.27 -9.09
N SER B 53 26.23 -2.44 -8.66
CA SER B 53 26.66 -2.38 -7.28
C SER B 53 27.24 -1.01 -6.98
N TRP B 54 27.44 -0.72 -5.71
CA TRP B 54 28.07 0.53 -5.29
C TRP B 54 28.78 0.41 -3.95
N THR B 55 29.84 1.21 -3.80
CA THR B 55 30.50 1.40 -2.53
C THR B 55 30.43 2.87 -2.20
N HIS B 56 30.80 3.22 -0.98
CA HIS B 56 30.90 4.62 -0.57
C HIS B 56 31.96 4.78 0.52
N SER B 57 32.54 5.99 0.56
CA SER B 57 33.53 6.35 1.56
C SER B 57 32.92 6.33 2.96
N GLU B 58 33.78 6.32 3.97
CA GLU B 58 33.36 6.34 5.38
C GLU B 58 32.41 7.48 5.71
N ASP B 59 32.73 8.69 5.25
CA ASP B 59 31.92 9.88 5.55
C ASP B 59 30.67 10.03 4.68
N GLY B 60 30.46 9.06 3.79
CA GLY B 60 29.25 8.95 2.96
C GLY B 60 29.12 9.98 1.86
N LYS B 61 30.23 10.65 1.54
CA LYS B 61 30.23 11.73 0.57
C LYS B 61 30.74 11.32 -0.81
N THR B 62 31.37 10.15 -0.89
CA THR B 62 31.92 9.68 -2.15
C THR B 62 31.36 8.32 -2.47
N TRP B 63 30.66 8.23 -3.59
CA TRP B 63 30.00 7.01 -4.01
C TRP B 63 30.53 6.59 -5.36
N THR B 64 30.85 5.30 -5.47
CA THR B 64 31.36 4.75 -6.69
C THR B 64 30.44 3.63 -7.12
N PHE B 65 29.72 3.88 -8.21
CA PHE B 65 28.83 2.90 -8.80
C PHE B 65 29.54 2.08 -9.84
N THR B 66 29.38 0.77 -9.75
CA THR B 66 29.80 -0.11 -10.84
C THR B 66 28.58 -0.38 -11.71
N LEU B 67 28.66 0.11 -12.94
CA LEU B 67 27.58 -0.01 -13.89
C LEU B 67 27.53 -1.38 -14.50
N ARG B 68 26.33 -1.80 -14.88
CA ARG B 68 26.18 -2.98 -15.72
C ARG B 68 26.99 -2.78 -16.98
N ASP B 69 27.51 -3.87 -17.55
CA ASP B 69 28.31 -3.78 -18.77
C ASP B 69 27.57 -4.31 -20.00
N ASP B 70 26.29 -4.63 -19.83
CA ASP B 70 25.51 -5.28 -20.88
C ASP B 70 24.32 -4.46 -21.39
N VAL B 71 24.34 -3.15 -21.14
CA VAL B 71 23.18 -2.31 -21.44
C VAL B 71 23.43 -1.45 -22.67
N LYS B 72 22.49 -1.50 -23.62
CA LYS B 72 22.57 -0.65 -24.79
C LYS B 72 21.43 0.34 -24.80
N PHE B 73 21.72 1.55 -25.25
CA PHE B 73 20.65 2.45 -25.66
C PHE B 73 19.89 1.79 -26.80
N SER B 74 18.65 2.23 -27.04
CA SER B 74 17.77 1.58 -28.01
C SER B 74 18.28 1.63 -29.46
N ASN B 75 19.20 2.55 -29.75
CA ASN B 75 19.86 2.62 -31.06
C ASN B 75 21.13 1.78 -31.18
N GLY B 76 21.40 0.96 -30.17
CA GLY B 76 22.57 0.07 -30.18
C GLY B 76 23.81 0.58 -29.49
N GLU B 77 23.85 1.89 -29.21
CA GLU B 77 25.02 2.49 -28.59
C GLU B 77 25.19 2.06 -27.13
N PRO B 78 26.44 1.98 -26.65
CA PRO B 78 26.64 1.46 -25.30
C PRO B 78 26.28 2.46 -24.18
N PHE B 79 25.65 1.95 -23.13
CA PHE B 79 25.58 2.68 -21.87
C PHE B 79 26.82 2.33 -21.06
N ASP B 80 27.65 3.34 -20.80
CA ASP B 80 28.87 3.15 -20.02
C ASP B 80 29.04 4.34 -19.08
N ALA B 81 30.07 4.31 -18.25
CA ALA B 81 30.30 5.38 -17.28
C ALA B 81 30.50 6.76 -17.95
N GLU B 82 31.11 6.78 -19.13
CA GLU B 82 31.23 8.02 -19.88
C GLU B 82 29.87 8.61 -20.24
N ALA B 83 28.97 7.76 -20.76
CA ALA B 83 27.62 8.22 -21.10
C ALA B 83 26.89 8.73 -19.86
N ALA B 84 27.00 7.98 -18.77
CA ALA B 84 26.37 8.40 -17.52
C ALA B 84 26.90 9.76 -17.01
N ALA B 85 28.22 9.92 -16.99
CA ALA B 85 28.82 11.17 -16.59
C ALA B 85 28.41 12.35 -17.47
N GLU B 86 28.26 12.10 -18.77
CA GLU B 86 27.83 13.14 -19.69
C GLU B 86 26.42 13.61 -19.39
N ASN B 87 25.54 12.67 -19.03
CA ASN B 87 24.19 13.04 -18.60
C ASN B 87 24.19 13.88 -17.32
N PHE B 88 24.97 13.50 -16.30
CA PHE B 88 25.05 14.31 -15.10
C PHE B 88 25.57 15.71 -15.40
N ARG B 89 26.56 15.79 -16.29
CA ARG B 89 27.06 17.11 -16.70
C ARG B 89 25.96 17.95 -17.35
N ALA B 90 25.25 17.37 -18.32
CA ALA B 90 24.15 18.03 -18.99
C ALA B 90 23.06 18.53 -18.03
N VAL B 91 22.65 17.68 -17.09
CA VAL B 91 21.67 18.08 -16.08
C VAL B 91 22.18 19.26 -15.25
N LEU B 92 23.38 19.10 -14.69
CA LEU B 92 23.92 20.10 -13.76
C LEU B 92 24.42 21.40 -14.43
N ASP B 93 24.56 21.40 -15.76
CA ASP B 93 24.71 22.66 -16.53
C ASP B 93 23.49 23.58 -16.40
N ASN B 94 22.37 23.01 -15.95
CA ASN B 94 21.09 23.69 -15.75
C ASN B 94 20.69 23.50 -14.30
N ARG B 95 21.67 23.51 -13.40
CA ARG B 95 21.45 23.16 -12.01
C ARG B 95 20.31 23.92 -11.33
N GLN B 96 20.23 25.23 -11.60
CA GLN B 96 19.24 26.08 -10.94
C GLN B 96 17.80 25.67 -11.26
N ARG B 97 17.56 25.10 -12.44
CA ARG B 97 16.22 24.64 -12.81
C ARG B 97 15.76 23.48 -11.91
N HIS B 98 16.74 22.75 -11.37
CA HIS B 98 16.48 21.60 -10.51
C HIS B 98 16.55 21.92 -9.01
N ALA B 99 16.50 23.21 -8.66
CA ALA B 99 16.64 23.69 -7.27
C ALA B 99 15.65 23.02 -6.31
N TRP B 100 14.47 22.67 -6.80
CA TRP B 100 13.45 21.99 -5.99
C TRP B 100 13.95 20.66 -5.41
N LEU B 101 14.90 20.02 -6.09
CA LEU B 101 15.37 18.69 -5.72
C LEU B 101 16.73 18.84 -5.07
N GLU B 102 16.82 18.49 -3.80
CA GLU B 102 18.04 18.79 -3.04
C GLU B 102 19.32 18.11 -3.58
N LEU B 103 19.18 16.90 -4.15
CA LEU B 103 20.32 16.21 -4.74
C LEU B 103 21.05 17.09 -5.76
N ALA B 104 20.29 17.87 -6.54
CA ALA B 104 20.92 18.75 -7.55
C ALA B 104 21.85 19.79 -6.92
N ASN B 105 21.56 20.18 -5.69
CA ASN B 105 22.44 21.04 -4.91
C ASN B 105 23.61 20.27 -4.32
N GLN B 106 23.38 19.00 -3.98
CA GLN B 106 24.35 18.17 -3.27
CA GLN B 106 24.41 18.21 -3.34
C GLN B 106 25.52 17.71 -4.15
N ILE B 107 25.27 17.54 -5.44
CA ILE B 107 26.31 16.97 -6.30
C ILE B 107 27.43 17.97 -6.57
N VAL B 108 28.65 17.57 -6.19
CA VAL B 108 29.83 18.39 -6.41
C VAL B 108 30.48 17.97 -7.72
N ASP B 109 30.67 16.67 -7.87
CA ASP B 109 31.41 16.13 -8.99
C ASP B 109 30.86 14.80 -9.46
N VAL B 110 30.91 14.58 -10.78
CA VAL B 110 30.62 13.27 -11.36
C VAL B 110 31.70 12.92 -12.39
N LYS B 111 32.41 11.81 -12.15
CA LYS B 111 33.56 11.41 -12.95
C LYS B 111 33.45 9.94 -13.34
N ALA B 112 33.72 9.63 -14.61
CA ALA B 112 33.88 8.25 -15.02
C ALA B 112 35.33 7.83 -14.73
N LEU B 113 35.49 6.81 -13.89
CA LEU B 113 36.82 6.32 -13.50
C LEU B 113 37.34 5.28 -14.48
N SER B 114 36.41 4.56 -15.09
CA SER B 114 36.70 3.50 -16.04
C SER B 114 35.47 3.38 -16.93
N LYS B 115 35.40 2.34 -17.75
CA LYS B 115 34.25 2.13 -18.61
C LYS B 115 33.00 1.82 -17.78
N THR B 116 33.20 1.19 -16.62
CA THR B 116 32.08 0.76 -15.78
C THR B 116 31.97 1.43 -14.39
N GLU B 117 32.99 2.20 -13.98
CA GLU B 117 32.96 2.84 -12.65
C GLU B 117 32.64 4.33 -12.74
N LEU B 118 31.62 4.73 -11.98
CA LEU B 118 31.12 6.10 -11.95
C LEU B 118 31.19 6.68 -10.54
N GLN B 119 31.97 7.74 -10.37
CA GLN B 119 32.15 8.33 -9.06
C GLN B 119 31.38 9.62 -8.87
N ILE B 120 30.53 9.65 -7.84
CA ILE B 120 29.69 10.81 -7.54
C ILE B 120 30.06 11.35 -6.17
N THR B 121 30.42 12.62 -6.14
CA THR B 121 30.83 13.27 -4.91
C THR B 121 29.79 14.30 -4.46
N LEU B 122 29.41 14.19 -3.19
CA LEU B 122 28.37 15.03 -2.61
C LEU B 122 28.93 15.97 -1.55
N LYS B 123 28.22 17.07 -1.31
CA LYS B 123 28.51 17.96 -0.19
C LYS B 123 28.30 17.28 1.18
N SER B 124 27.27 16.46 1.29
CA SER B 124 26.89 15.81 2.51
C SER B 124 26.58 14.34 2.35
N ALA B 125 26.35 13.66 3.43
CA ALA B 125 26.05 12.27 3.27
C ALA B 125 24.68 12.03 2.55
N TYR B 126 23.82 13.04 2.63
CA TYR B 126 22.47 12.99 2.07
C TYR B 126 21.81 11.64 2.35
N TYR B 127 20.66 11.65 3.02
CA TYR B 127 20.07 10.47 3.28
C TYR B 127 19.26 9.98 2.12
N PRO B 128 18.59 10.89 1.40
CA PRO B 128 17.73 10.38 0.32
C PRO B 128 18.44 10.24 -1.04
N PHE B 129 19.77 10.26 -1.03
CA PHE B 129 20.57 10.20 -2.28
C PHE B 129 20.07 9.16 -3.28
N LEU B 130 19.94 7.91 -2.85
CA LEU B 130 19.54 6.86 -3.76
C LEU B 130 18.09 6.99 -4.24
N GLN B 131 17.20 7.41 -3.35
CA GLN B 131 15.80 7.61 -3.75
C GLN B 131 15.62 8.70 -4.82
N GLU B 132 16.47 9.71 -4.78
CA GLU B 132 16.39 10.83 -5.70
C GLU B 132 17.03 10.48 -7.04
N LEU B 133 18.07 9.63 -6.98
CA LEU B 133 18.57 9.00 -8.21
C LEU B 133 17.51 8.14 -8.90
N ALA B 134 16.58 7.59 -8.12
CA ALA B 134 15.57 6.69 -8.64
C ALA B 134 14.41 7.43 -9.30
N LEU B 135 14.36 8.75 -9.17
CA LEU B 135 13.15 9.48 -9.64
C LEU B 135 13.04 9.47 -11.17
N PRO B 136 11.81 9.67 -11.71
CA PRO B 136 11.64 9.74 -13.16
C PRO B 136 12.58 10.74 -13.85
N ARG B 137 12.83 11.85 -13.19
CA ARG B 137 13.69 12.91 -13.72
C ARG B 137 14.26 13.72 -12.55
N PRO B 138 15.45 14.34 -12.72
CA PRO B 138 16.18 14.48 -13.98
C PRO B 138 17.35 13.53 -14.18
N PHE B 139 17.58 12.63 -13.24
CA PHE B 139 18.81 11.88 -13.31
C PHE B 139 18.72 10.55 -14.03
N ARG B 140 18.15 10.54 -15.23
CA ARG B 140 18.11 9.35 -16.07
C ARG B 140 18.85 9.63 -17.36
N PHE B 141 19.03 8.61 -18.20
CA PHE B 141 20.10 8.67 -19.21
C PHE B 141 19.67 8.56 -20.68
N ILE B 142 19.97 9.62 -21.42
CA ILE B 142 19.82 9.65 -22.88
C ILE B 142 21.19 9.40 -23.55
N ALA B 143 21.18 8.72 -24.69
CA ALA B 143 22.41 8.55 -25.47
C ALA B 143 23.04 9.92 -25.74
N PRO B 144 24.31 10.10 -25.34
CA PRO B 144 24.98 11.40 -25.56
C PRO B 144 25.04 11.85 -27.04
N SER B 145 24.96 10.90 -27.98
CA SER B 145 24.84 11.22 -29.42
C SER B 145 23.62 12.10 -29.74
N GLN B 146 22.66 12.13 -28.81
CA GLN B 146 21.42 12.90 -28.99
C GLN B 146 21.37 14.25 -28.28
N PHE B 147 22.45 14.61 -27.60
CA PHE B 147 22.65 15.97 -27.09
C PHE B 147 22.69 16.93 -28.28
N LYS B 148 22.34 18.18 -28.05
CA LYS B 148 22.55 19.26 -29.02
C LYS B 148 23.67 20.13 -28.49
N ASN B 149 24.75 20.28 -29.25
CA ASN B 149 25.89 21.09 -28.82
C ASN B 149 26.38 20.75 -27.39
N HIS B 150 26.50 19.45 -27.14
CA HIS B 150 26.98 18.88 -25.87
C HIS B 150 26.08 19.24 -24.67
N GLU B 151 24.81 19.54 -24.94
CA GLU B 151 23.85 19.91 -23.88
C GLU B 151 22.52 19.17 -24.06
N THR B 152 21.68 19.14 -23.02
CA THR B 152 20.28 18.73 -23.19
C THR B 152 19.31 19.88 -22.80
N MET B 153 19.82 20.88 -22.07
CA MET B 153 18.96 21.94 -21.53
C MET B 153 18.24 22.79 -22.60
N ASN B 154 18.78 22.79 -23.83
CA ASN B 154 18.23 23.55 -24.94
C ASN B 154 17.53 22.64 -25.93
N GLY B 155 17.33 21.38 -25.53
CA GLY B 155 16.67 20.41 -26.40
C GLY B 155 17.56 19.22 -26.71
N ILE B 156 16.93 18.17 -27.23
CA ILE B 156 17.60 16.96 -27.63
C ILE B 156 17.27 16.63 -29.09
N LYS B 157 17.93 15.61 -29.63
CA LYS B 157 17.65 15.14 -30.97
C LYS B 157 16.60 14.04 -30.86
N ALA B 158 16.94 12.77 -30.94
CA ALA B 158 15.95 11.72 -30.73
C ALA B 158 15.95 11.30 -29.26
N PRO B 159 14.77 10.96 -28.70
CA PRO B 159 14.67 10.56 -27.28
C PRO B 159 15.14 9.12 -27.01
N ILE B 160 16.44 8.90 -27.14
CA ILE B 160 16.99 7.55 -27.11
C ILE B 160 17.44 7.18 -25.72
N GLY B 161 16.71 6.28 -25.08
CA GLY B 161 17.07 5.80 -23.75
C GLY B 161 17.45 4.33 -23.75
N THR B 162 17.62 3.77 -22.56
CA THR B 162 17.92 2.36 -22.37
C THR B 162 16.67 1.53 -22.01
N GLY B 163 15.52 2.18 -21.82
CA GLY B 163 14.35 1.51 -21.24
C GLY B 163 13.60 0.56 -22.15
N PRO B 164 12.54 -0.08 -21.61
CA PRO B 164 11.83 -1.14 -22.34
C PRO B 164 10.90 -0.63 -23.46
N TRP B 165 10.70 0.70 -23.53
CA TRP B 165 9.85 1.32 -24.56
C TRP B 165 10.61 2.35 -25.40
N ILE B 166 10.26 2.40 -26.68
CA ILE B 166 10.80 3.36 -27.64
C ILE B 166 9.66 4.26 -28.17
N LEU B 167 9.83 5.58 -28.13
CA LEU B 167 8.82 6.47 -28.71
C LEU B 167 8.97 6.43 -30.23
N GLN B 168 7.91 5.94 -30.88
CA GLN B 168 7.95 5.73 -32.32
C GLN B 168 7.33 6.88 -33.11
N GLU B 169 6.27 7.48 -32.59
CA GLU B 169 5.53 8.48 -33.36
C GLU B 169 4.77 9.39 -32.41
N SER B 170 4.80 10.69 -32.69
CA SER B 170 4.01 11.66 -31.96
C SER B 170 3.25 12.56 -32.92
N LYS B 171 1.99 12.80 -32.60
CA LYS B 171 1.13 13.74 -33.33
C LYS B 171 0.45 14.67 -32.34
N LEU B 172 0.78 15.96 -32.44
CA LEU B 172 0.29 16.96 -31.49
C LEU B 172 -1.23 16.96 -31.40
N ASN B 173 -1.73 16.91 -30.17
CA ASN B 173 -3.17 16.91 -29.93
C ASN B 173 -3.88 15.69 -30.54
N GLN B 174 -3.14 14.61 -30.74
CA GLN B 174 -3.76 13.42 -31.29
C GLN B 174 -3.32 12.13 -30.60
N TYR B 175 -2.02 11.83 -30.66
CA TYR B 175 -1.53 10.56 -30.11
C TYR B 175 0.00 10.50 -29.97
N ASP B 176 0.44 9.52 -29.19
CA ASP B 176 1.83 9.10 -29.17
C ASP B 176 1.87 7.58 -29.20
N VAL B 177 2.77 7.02 -30.00
CA VAL B 177 2.90 5.57 -30.14
C VAL B 177 4.25 5.11 -29.60
N PHE B 178 4.22 4.13 -28.71
CA PHE B 178 5.44 3.48 -28.23
C PHE B 178 5.49 2.05 -28.75
N VAL B 179 6.70 1.54 -29.00
CA VAL B 179 6.92 0.12 -29.27
C VAL B 179 7.94 -0.45 -28.28
N ARG B 180 7.86 -1.75 -28.01
CA ARG B 180 8.82 -2.31 -27.10
C ARG B 180 10.22 -2.30 -27.69
N ASN B 181 11.18 -2.10 -26.80
CA ASN B 181 12.58 -2.17 -27.14
C ASN B 181 12.96 -3.65 -27.26
N GLU B 182 13.12 -4.12 -28.49
CA GLU B 182 13.44 -5.53 -28.73
C GLU B 182 14.85 -5.88 -28.26
N ASN B 183 15.64 -4.85 -27.99
CA ASN B 183 17.01 -5.00 -27.52
C ASN B 183 17.21 -4.53 -26.08
N TYR B 184 16.13 -4.57 -25.30
CA TYR B 184 16.16 -4.23 -23.87
C TYR B 184 17.07 -5.17 -23.08
N TRP B 185 17.89 -4.60 -22.20
CA TRP B 185 18.81 -5.39 -21.37
C TRP B 185 18.10 -6.33 -20.38
N GLY B 186 16.90 -5.95 -19.95
CA GLY B 186 16.19 -6.71 -18.93
C GLY B 186 15.08 -7.56 -19.51
N GLU B 187 14.01 -7.74 -18.74
CA GLU B 187 12.90 -8.59 -19.17
C GLU B 187 12.10 -7.96 -20.30
N LYS B 188 11.74 -8.76 -21.26
CA LYS B 188 10.97 -8.32 -22.36
C LYS B 188 9.52 -8.04 -21.95
N PRO B 189 9.00 -6.85 -22.24
CA PRO B 189 7.56 -6.63 -22.00
C PRO B 189 6.73 -7.57 -22.87
N ALA B 190 5.60 -8.03 -22.32
CA ALA B 190 4.68 -8.87 -23.07
C ALA B 190 3.96 -8.09 -24.18
N ILE B 191 3.74 -6.80 -23.94
CA ILE B 191 3.08 -5.92 -24.89
C ILE B 191 4.12 -5.37 -25.88
N LYS B 192 3.77 -5.38 -27.17
CA LYS B 192 4.70 -4.95 -28.22
C LYS B 192 4.52 -3.48 -28.60
N LYS B 193 3.30 -2.99 -28.48
CA LYS B 193 2.98 -1.63 -28.90
C LYS B 193 1.95 -1.00 -27.98
N ILE B 194 2.14 0.28 -27.66
CA ILE B 194 1.18 1.02 -26.83
C ILE B 194 0.90 2.36 -27.48
N THR B 195 -0.36 2.59 -27.77
CA THR B 195 -0.80 3.85 -28.38
C THR B 195 -1.52 4.71 -27.34
N PHE B 196 -1.09 5.96 -27.19
CA PHE B 196 -1.76 6.88 -26.25
C PHE B 196 -2.59 7.84 -27.06
N ASN B 197 -3.92 7.74 -26.93
CA ASN B 197 -4.77 8.76 -27.52
C ASN B 197 -4.85 9.98 -26.61
N VAL B 198 -4.67 11.18 -27.18
CA VAL B 198 -4.79 12.41 -26.39
C VAL B 198 -6.26 12.76 -26.18
N ILE B 199 -6.74 12.64 -24.94
CA ILE B 199 -8.14 12.85 -24.61
C ILE B 199 -8.23 13.71 -23.34
N PRO B 200 -8.35 15.05 -23.50
CA PRO B 200 -8.37 15.94 -22.32
C PRO B 200 -9.58 15.84 -21.36
N ASP B 201 -10.75 15.44 -21.88
CA ASP B 201 -12.01 15.47 -21.13
C ASP B 201 -12.22 14.13 -20.40
N PRO B 202 -12.41 14.16 -19.06
CA PRO B 202 -12.62 12.88 -18.34
C PRO B 202 -13.85 12.09 -18.80
N THR B 203 -14.91 12.80 -19.22
CA THR B 203 -16.11 12.11 -19.69
C THR B 203 -15.80 11.44 -21.03
N THR B 204 -15.01 12.09 -21.87
CA THR B 204 -14.65 11.50 -23.15
C THR B 204 -13.71 10.30 -22.96
N ARG B 205 -12.86 10.37 -21.93
CA ARG B 205 -12.05 9.19 -21.62
C ARG B 205 -12.95 8.00 -21.26
N ALA B 206 -14.00 8.24 -20.48
CA ALA B 206 -14.90 7.17 -20.08
C ALA B 206 -15.60 6.58 -21.29
N VAL B 207 -16.01 7.45 -22.21
CA VAL B 207 -16.72 6.99 -23.42
C VAL B 207 -15.76 6.17 -24.31
N ALA B 208 -14.56 6.68 -24.52
CA ALA B 208 -13.54 5.97 -25.30
C ALA B 208 -13.31 4.59 -24.73
N PHE B 209 -13.26 4.47 -23.40
CA PHE B 209 -13.15 3.15 -22.82
C PHE B 209 -14.41 2.27 -23.05
N GLU B 210 -15.59 2.82 -22.79
CA GLU B 210 -16.79 1.99 -22.79
C GLU B 210 -17.12 1.48 -24.21
N THR B 211 -16.79 2.27 -25.22
CA THR B 211 -16.96 1.85 -26.60
C THR B 211 -15.94 0.83 -27.06
N GLY B 212 -14.85 0.66 -26.30
CA GLY B 212 -13.78 -0.24 -26.73
C GLY B 212 -12.74 0.43 -27.61
N ASP B 213 -12.86 1.74 -27.81
CA ASP B 213 -11.83 2.47 -28.59
C ASP B 213 -10.46 2.44 -27.90
N ILE B 214 -10.46 2.51 -26.57
CA ILE B 214 -9.20 2.29 -25.83
C ILE B 214 -9.38 1.08 -24.92
N ASP B 215 -8.27 0.56 -24.40
CA ASP B 215 -8.31 -0.72 -23.66
C ASP B 215 -8.12 -0.53 -22.15
N LEU B 216 -7.60 0.64 -21.78
CA LEU B 216 -7.06 0.85 -20.45
C LEU B 216 -7.03 2.34 -20.13
N LEU B 217 -7.46 2.65 -18.91
CA LEU B 217 -7.27 3.96 -18.28
C LEU B 217 -6.56 3.76 -16.93
N TYR B 218 -5.58 4.60 -16.64
CA TYR B 218 -4.77 4.47 -15.42
C TYR B 218 -4.42 5.89 -14.97
N GLY B 219 -4.81 6.29 -13.77
CA GLY B 219 -4.48 7.66 -13.33
C GLY B 219 -5.09 7.92 -11.99
N ASN B 220 -5.10 9.18 -11.58
CA ASN B 220 -5.56 9.53 -10.24
C ASN B 220 -7.07 9.82 -10.21
N GLU B 221 -7.55 10.52 -9.19
CA GLU B 221 -8.98 10.73 -8.98
C GLU B 221 -9.67 11.48 -10.12
N GLY B 222 -8.88 12.13 -10.96
CA GLY B 222 -9.44 12.87 -12.09
C GLY B 222 -9.51 12.06 -13.38
N LEU B 223 -9.16 10.77 -13.28
CA LEU B 223 -9.09 9.91 -14.48
C LEU B 223 -10.40 9.88 -15.29
N LEU B 224 -11.53 9.72 -14.59
CA LEU B 224 -12.85 9.72 -15.23
C LEU B 224 -13.89 10.06 -14.16
N PRO B 225 -15.14 10.33 -14.56
CA PRO B 225 -16.11 10.71 -13.55
C PRO B 225 -16.31 9.56 -12.61
N LEU B 226 -16.45 9.86 -11.32
CA LEU B 226 -16.39 8.79 -10.35
C LEU B 226 -17.71 8.06 -10.25
N ASP B 227 -18.81 8.69 -10.65
CA ASP B 227 -20.07 7.96 -10.72
C ASP B 227 -19.98 6.95 -11.85
N THR B 228 -19.35 7.34 -12.96
CA THR B 228 -19.17 6.41 -14.08
C THR B 228 -18.29 5.25 -13.64
N PHE B 229 -17.22 5.56 -12.93
CA PHE B 229 -16.34 4.53 -12.40
C PHE B 229 -17.10 3.49 -11.53
N ALA B 230 -17.92 3.99 -10.61
CA ALA B 230 -18.77 3.13 -9.76
C ALA B 230 -19.68 2.23 -10.58
N ARG B 231 -20.33 2.78 -11.64
CA ARG B 231 -21.12 1.97 -12.56
C ARG B 231 -20.27 0.88 -13.21
N PHE B 232 -19.09 1.27 -13.69
CA PHE B 232 -18.19 0.32 -14.36
C PHE B 232 -17.83 -0.83 -13.41
N SER B 233 -17.61 -0.50 -12.14
CA SER B 233 -17.23 -1.51 -11.14
C SER B 233 -18.32 -2.56 -10.92
N GLN B 234 -19.56 -2.23 -11.27
CA GLN B 234 -20.67 -3.17 -11.08
C GLN B 234 -20.98 -4.03 -12.31
N ASN B 235 -20.22 -3.85 -13.39
CA ASN B 235 -20.51 -4.51 -14.66
C ASN B 235 -19.35 -5.43 -15.06
N PRO B 236 -19.61 -6.75 -15.15
CA PRO B 236 -18.48 -7.64 -15.49
C PRO B 236 -17.94 -7.47 -16.91
N ALA B 237 -18.63 -6.68 -17.73
CA ALA B 237 -18.10 -6.33 -19.05
C ALA B 237 -16.79 -5.53 -18.95
N TYR B 238 -16.59 -4.90 -17.80
CA TYR B 238 -15.42 -4.05 -17.58
C TYR B 238 -14.65 -4.61 -16.38
N HIS B 239 -13.46 -4.07 -16.16
CA HIS B 239 -12.67 -4.35 -14.95
C HIS B 239 -12.29 -2.99 -14.31
N THR B 240 -12.42 -2.87 -13.00
CA THR B 240 -12.00 -1.66 -12.32
C THR B 240 -11.09 -1.99 -11.15
N GLN B 241 -10.25 -1.03 -10.77
CA GLN B 241 -9.41 -1.13 -9.56
C GLN B 241 -9.24 0.22 -8.92
N LEU B 242 -9.03 0.21 -7.61
CA LEU B 242 -8.71 1.41 -6.84
C LEU B 242 -7.55 1.00 -5.95
N SER B 243 -6.45 1.75 -5.95
CA SER B 243 -5.30 1.42 -5.08
C SER B 243 -5.57 1.86 -3.64
N GLN B 244 -4.67 1.50 -2.73
CA GLN B 244 -4.65 2.18 -1.45
C GLN B 244 -4.19 3.62 -1.70
N PRO B 245 -4.50 4.53 -0.77
CA PRO B 245 -4.20 5.95 -1.09
C PRO B 245 -2.73 6.21 -1.39
N ILE B 246 -2.48 7.18 -2.27
CA ILE B 246 -1.10 7.47 -2.68
C ILE B 246 -0.60 8.84 -2.28
N GLU B 247 -1.50 9.78 -2.04
CA GLU B 247 -1.13 11.18 -1.80
C GLU B 247 -2.33 12.00 -1.33
N THR B 248 -2.07 13.21 -0.84
CA THR B 248 -3.10 14.07 -0.28
C THR B 248 -3.57 15.10 -1.31
N VAL B 249 -4.87 15.36 -1.35
CA VAL B 249 -5.42 16.53 -2.05
C VAL B 249 -5.89 17.50 -0.97
N MET B 250 -5.58 18.77 -1.14
N MET B 250 -5.56 18.78 -1.13
CA MET B 250 -5.84 19.76 -0.07
CA MET B 250 -5.81 19.76 -0.09
C MET B 250 -6.03 21.13 -0.66
C MET B 250 -5.99 21.16 -0.67
N LEU B 251 -6.46 22.08 0.16
CA LEU B 251 -6.28 23.49 -0.23
C LEU B 251 -5.03 24.00 0.43
N ALA B 252 -4.37 24.92 -0.26
CA ALA B 252 -3.33 25.74 0.34
C ALA B 252 -3.92 27.12 0.61
N LEU B 253 -3.72 27.59 1.84
CA LEU B 253 -4.26 28.88 2.30
C LEU B 253 -3.16 29.92 2.35
N ASN B 254 -3.41 31.12 1.80
CA ASN B 254 -2.33 32.11 1.71
C ASN B 254 -2.18 32.90 3.01
N THR B 255 -1.14 32.56 3.76
CA THR B 255 -0.93 33.17 5.08
C THR B 255 -0.44 34.61 4.95
N ALA B 256 -0.12 35.03 3.72
CA ALA B 256 0.35 36.41 3.46
C ALA B 256 -0.68 37.33 2.82
N LYS B 257 -1.92 36.86 2.70
CA LYS B 257 -2.97 37.63 2.05
C LYS B 257 -4.24 37.69 2.91
N ALA B 258 -4.72 38.90 3.20
CA ALA B 258 -5.99 39.05 3.91
C ALA B 258 -7.13 38.34 3.16
N PRO B 259 -8.06 37.68 3.88
CA PRO B 259 -8.13 37.45 5.34
C PRO B 259 -7.51 36.12 5.80
N THR B 260 -6.92 35.35 4.89
CA THR B 260 -6.30 34.07 5.25
C THR B 260 -4.95 34.27 5.94
N ASN B 261 -4.54 35.52 6.06
CA ASN B 261 -3.36 35.83 6.85
C ASN B 261 -3.61 35.64 8.35
N GLU B 262 -4.87 35.65 8.76
CA GLU B 262 -5.21 35.43 10.17
C GLU B 262 -5.33 33.94 10.49
N LEU B 263 -4.55 33.53 11.50
CA LEU B 263 -4.65 32.14 12.00
C LEU B 263 -6.07 31.70 12.30
N ALA B 264 -6.86 32.57 12.94
CA ALA B 264 -8.20 32.17 13.38
C ALA B 264 -9.11 31.88 12.19
N VAL B 265 -8.91 32.60 11.09
CA VAL B 265 -9.65 32.35 9.86
C VAL B 265 -9.27 30.99 9.27
N ARG B 266 -7.97 30.71 9.24
CA ARG B 266 -7.48 29.45 8.70
C ARG B 266 -7.96 28.28 9.54
N GLU B 267 -7.95 28.44 10.86
CA GLU B 267 -8.49 27.42 11.74
C GLU B 267 -9.99 27.19 11.52
N ALA B 268 -10.73 28.28 11.39
CA ALA B 268 -12.17 28.20 11.17
C ALA B 268 -12.48 27.49 9.85
N LEU B 269 -11.73 27.83 8.79
CA LEU B 269 -11.92 27.17 7.49
C LEU B 269 -11.68 25.67 7.63
N ASN B 270 -10.70 25.28 8.44
CA ASN B 270 -10.37 23.86 8.67
C ASN B 270 -11.43 23.08 9.46
N TYR B 271 -12.40 23.80 10.03
CA TYR B 271 -13.56 23.17 10.67
C TYR B 271 -14.83 23.25 9.82
N ALA B 272 -14.79 24.02 8.74
CA ALA B 272 -15.99 24.37 7.96
C ALA B 272 -16.49 23.32 6.95
N VAL B 273 -15.56 22.56 6.38
CA VAL B 273 -15.90 21.66 5.29
C VAL B 273 -16.31 20.29 5.81
N ASN B 274 -17.47 19.83 5.36
CA ASN B 274 -17.88 18.48 5.64
C ASN B 274 -17.19 17.59 4.61
N LYS B 275 -16.02 17.07 4.99
CA LYS B 275 -15.18 16.31 4.05
C LYS B 275 -15.84 15.00 3.61
N LYS B 276 -16.48 14.33 4.57
CA LYS B 276 -17.16 13.07 4.29
C LYS B 276 -18.24 13.29 3.21
N SER B 277 -19.09 14.29 3.42
CA SER B 277 -20.09 14.68 2.40
C SER B 277 -19.48 15.15 1.06
N LEU B 278 -18.37 15.89 1.12
CA LEU B 278 -17.73 16.39 -0.11
C LEU B 278 -17.26 15.25 -0.99
N ILE B 279 -16.67 14.25 -0.36
CA ILE B 279 -16.22 13.07 -1.07
C ILE B 279 -17.41 12.33 -1.66
N ASP B 280 -18.50 12.22 -0.90
CA ASP B 280 -19.69 11.51 -1.40
C ASP B 280 -20.28 12.17 -2.66
N ASN B 281 -20.20 13.50 -2.70
CA ASN B 281 -20.85 14.28 -3.74
C ASN B 281 -19.99 14.63 -4.95
N ALA B 282 -18.69 14.80 -4.73
CA ALA B 282 -17.79 15.15 -5.81
C ALA B 282 -16.99 13.94 -6.32
N LEU B 283 -16.79 12.96 -5.42
CA LEU B 283 -15.94 11.79 -5.68
C LEU B 283 -16.69 10.48 -5.48
N TYR B 284 -18.02 10.57 -5.56
CA TYR B 284 -18.92 9.43 -5.43
C TYR B 284 -18.50 8.51 -4.29
N GLY B 285 -17.97 9.11 -3.23
CA GLY B 285 -17.58 8.33 -2.05
C GLY B 285 -16.44 7.35 -2.18
N THR B 286 -15.55 7.53 -3.15
CA THR B 286 -14.51 6.55 -3.48
C THR B 286 -13.16 6.76 -2.78
N GLN B 287 -12.94 7.93 -2.20
CA GLN B 287 -11.65 8.31 -1.64
C GLN B 287 -11.74 8.43 -0.12
N GLN B 288 -10.62 8.66 0.55
CA GLN B 288 -10.62 8.74 2.04
CA GLN B 288 -10.58 8.80 2.00
C GLN B 288 -10.70 10.26 2.42
N VAL B 289 -11.17 10.49 3.66
CA VAL B 289 -11.01 11.83 4.29
C VAL B 289 -9.59 12.07 4.81
N ALA B 290 -9.03 13.26 4.52
CA ALA B 290 -7.71 13.67 5.05
C ALA B 290 -7.85 14.65 6.20
N ASP B 291 -7.08 14.40 7.26
CA ASP B 291 -7.03 15.28 8.43
C ASP B 291 -5.74 16.07 8.48
N THR B 292 -4.71 15.56 7.81
CA THR B 292 -3.37 16.12 7.94
C THR B 292 -2.70 16.16 6.58
N LEU B 293 -1.72 17.05 6.46
CA LEU B 293 -0.98 17.18 5.20
C LEU B 293 -0.50 15.84 4.65
N PHE B 294 0.14 15.04 5.50
CA PHE B 294 0.51 13.67 5.10
C PHE B 294 -0.32 12.69 5.92
N ALA B 295 -0.78 11.63 5.28
CA ALA B 295 -1.49 10.55 5.98
C ALA B 295 -0.53 9.97 7.02
N PRO B 296 -1.09 9.45 8.12
CA PRO B 296 -0.23 8.86 9.17
C PRO B 296 0.63 7.68 8.72
N SER B 297 0.27 7.05 7.60
CA SER B 297 1.05 5.94 7.02
C SER B 297 2.30 6.41 6.25
N VAL B 298 2.45 7.72 6.05
CA VAL B 298 3.57 8.28 5.31
C VAL B 298 4.81 8.23 6.21
N PRO B 299 5.99 7.91 5.64
CA PRO B 299 7.19 7.94 6.48
C PRO B 299 7.36 9.23 7.24
N TYR B 300 7.73 9.09 8.52
CA TYR B 300 8.02 10.19 9.43
C TYR B 300 6.81 10.99 9.85
N ALA B 301 5.61 10.57 9.43
CA ALA B 301 4.41 11.41 9.62
C ALA B 301 3.38 10.86 10.59
N ASN B 302 3.70 9.80 11.31
CA ASN B 302 2.76 9.28 12.31
C ASN B 302 3.02 9.97 13.64
N LEU B 303 2.44 11.17 13.78
CA LEU B 303 2.84 12.11 14.83
C LEU B 303 1.72 12.35 15.85
N GLY B 304 0.58 11.72 15.64
CA GLY B 304 -0.55 11.93 16.53
C GLY B 304 -1.12 13.34 16.50
N LEU B 305 -1.01 14.00 15.35
CA LEU B 305 -1.62 15.32 15.15
C LEU B 305 -3.13 15.29 15.37
N LYS B 306 -3.63 16.36 15.95
CA LYS B 306 -5.03 16.50 16.30
C LYS B 306 -5.80 16.94 15.06
N PRO B 307 -6.76 16.12 14.60
CA PRO B 307 -7.61 16.51 13.46
C PRO B 307 -8.56 17.66 13.79
N SER B 308 -8.88 18.48 12.79
CA SER B 308 -10.01 19.40 12.87
C SER B 308 -11.20 18.81 12.12
N GLN B 309 -12.19 18.35 12.88
CA GLN B 309 -13.38 17.72 12.32
C GLN B 309 -14.29 18.73 11.62
N TYR B 310 -15.43 18.27 11.13
CA TYR B 310 -16.46 19.16 10.65
C TYR B 310 -17.24 19.65 11.87
N ASP B 311 -17.22 20.95 12.09
CA ASP B 311 -17.96 21.55 13.20
C ASP B 311 -18.16 23.04 12.94
N PRO B 312 -19.22 23.38 12.20
CA PRO B 312 -19.44 24.77 11.82
C PRO B 312 -19.60 25.68 13.04
N GLN B 313 -20.22 25.18 14.11
CA GLN B 313 -20.43 26.02 15.29
C GLN B 313 -19.11 26.41 15.94
N LYS B 314 -18.17 25.46 15.99
CA LYS B 314 -16.81 25.74 16.45
C LYS B 314 -16.09 26.77 15.55
N ALA B 315 -16.24 26.60 14.23
CA ALA B 315 -15.69 27.58 13.29
C ALA B 315 -16.27 28.98 13.53
N LYS B 316 -17.59 29.06 13.67
CA LYS B 316 -18.24 30.35 13.94
C LYS B 316 -17.72 31.00 15.23
N ALA B 317 -17.54 30.18 16.27
CA ALA B 317 -16.99 30.66 17.54
C ALA B 317 -15.57 31.20 17.43
N LEU B 318 -14.70 30.50 16.68
CA LEU B 318 -13.34 30.97 16.42
C LEU B 318 -13.37 32.31 15.68
N LEU B 319 -14.23 32.42 14.68
CA LEU B 319 -14.36 33.67 13.93
C LEU B 319 -14.85 34.82 14.82
N GLU B 320 -15.90 34.59 15.61
CA GLU B 320 -16.42 35.66 16.48
C GLU B 320 -15.36 36.11 17.50
N LYS B 321 -14.57 35.16 17.99
CA LYS B 321 -13.58 35.51 19.00
C LYS B 321 -12.41 36.27 18.39
N ALA B 322 -12.21 36.12 17.08
CA ALA B 322 -11.20 36.88 16.34
C ALA B 322 -11.74 38.23 15.82
N GLY B 323 -12.98 38.54 16.17
CA GLY B 323 -13.58 39.82 15.75
C GLY B 323 -14.25 39.79 14.40
N TRP B 324 -14.42 38.59 13.83
CA TRP B 324 -15.17 38.44 12.59
C TRP B 324 -16.64 38.20 12.92
N THR B 325 -17.43 39.28 12.81
CA THR B 325 -18.79 39.24 13.31
C THR B 325 -19.78 39.58 12.20
N LEU B 326 -21.03 39.19 12.38
CA LEU B 326 -22.07 39.50 11.42
C LEU B 326 -22.65 40.90 11.67
N PRO B 327 -22.51 41.82 10.70
CA PRO B 327 -23.30 43.03 10.85
C PRO B 327 -24.76 42.67 10.66
N ALA B 328 -25.62 43.08 11.58
CA ALA B 328 -27.06 42.87 11.44
C ALA B 328 -27.56 43.55 10.17
N GLY B 329 -28.38 42.85 9.37
CA GLY B 329 -28.68 41.44 9.56
C GLY B 329 -28.11 40.68 8.37
N LYS B 330 -26.92 41.10 7.94
CA LYS B 330 -26.19 40.51 6.80
C LYS B 330 -25.69 39.09 7.09
N ASP B 331 -25.22 38.39 6.05
CA ASP B 331 -24.95 36.96 6.16
C ASP B 331 -23.44 36.62 6.09
N ILE B 332 -22.63 37.60 5.71
CA ILE B 332 -21.18 37.43 5.58
C ILE B 332 -20.49 38.28 6.65
N ARG B 333 -19.60 37.65 7.40
CA ARG B 333 -18.89 38.34 8.49
C ARG B 333 -18.03 39.48 8.02
N GLU B 334 -17.73 40.37 8.96
CA GLU B 334 -16.94 41.58 8.74
C GLU B 334 -16.01 41.87 9.89
N LYS B 335 -14.85 42.43 9.60
CA LYS B 335 -13.90 42.85 10.62
C LYS B 335 -13.12 44.05 10.13
N ASN B 336 -13.19 45.13 10.91
CA ASN B 336 -12.56 46.41 10.58
C ASN B 336 -12.93 46.95 9.19
N GLY B 337 -14.21 46.84 8.83
CA GLY B 337 -14.69 47.34 7.55
C GLY B 337 -14.62 46.38 6.37
N GLN B 338 -13.85 45.30 6.51
CA GLN B 338 -13.61 44.33 5.42
C GLN B 338 -14.51 43.08 5.55
N PRO B 339 -15.10 42.61 4.42
CA PRO B 339 -15.88 41.38 4.43
C PRO B 339 -14.97 40.14 4.51
N LEU B 340 -15.50 39.05 5.06
CA LEU B 340 -14.75 37.80 5.11
C LEU B 340 -14.90 37.17 3.75
N ARG B 341 -14.21 37.73 2.75
CA ARG B 341 -14.25 37.22 1.38
C ARG B 341 -12.90 36.63 1.00
N ILE B 342 -12.93 35.39 0.49
CA ILE B 342 -11.70 34.66 0.19
C ILE B 342 -11.79 34.14 -1.24
N GLU B 343 -10.79 34.45 -2.05
CA GLU B 343 -10.74 34.01 -3.46
C GLU B 343 -10.19 32.59 -3.57
N LEU B 344 -10.97 31.70 -4.18
CA LEU B 344 -10.51 30.35 -4.48
C LEU B 344 -10.31 30.30 -5.98
N SER B 345 -9.06 30.31 -6.41
CA SER B 345 -8.74 30.28 -7.84
C SER B 345 -8.41 28.85 -8.27
N PHE B 346 -8.97 28.44 -9.40
CA PHE B 346 -8.82 27.05 -9.85
C PHE B 346 -8.88 27.04 -11.37
N ILE B 347 -8.43 25.93 -11.96
CA ILE B 347 -8.45 25.74 -13.42
C ILE B 347 -9.90 25.53 -13.82
N GLY B 348 -10.46 26.47 -14.58
CA GLY B 348 -11.91 26.54 -14.79
C GLY B 348 -12.51 25.36 -15.55
N THR B 349 -11.70 24.79 -16.44
CA THR B 349 -12.12 23.65 -17.27
C THR B 349 -12.14 22.33 -16.48
N ASP B 350 -11.35 22.25 -15.41
CA ASP B 350 -11.29 21.07 -14.55
C ASP B 350 -12.59 20.86 -13.76
N ALA B 351 -13.43 19.94 -14.26
CA ALA B 351 -14.77 19.66 -13.70
C ALA B 351 -14.75 19.27 -12.22
N LEU B 352 -13.74 18.49 -11.84
CA LEU B 352 -13.63 18.03 -10.47
C LEU B 352 -13.30 19.19 -9.52
N SER B 353 -12.30 20.00 -9.90
CA SER B 353 -11.98 21.23 -9.15
C SER B 353 -13.22 22.10 -8.96
N LYS B 354 -13.94 22.31 -10.07
CA LYS B 354 -15.13 23.15 -10.04
C LYS B 354 -16.17 22.58 -9.08
N SER B 355 -16.43 21.27 -9.16
CA SER B 355 -17.41 20.64 -8.28
C SER B 355 -17.01 20.77 -6.83
N MET B 356 -15.73 20.50 -6.53
CA MET B 356 -15.26 20.63 -5.15
C MET B 356 -15.33 22.05 -4.67
N ALA B 357 -14.98 22.99 -5.55
CA ALA B 357 -14.97 24.41 -5.19
C ALA B 357 -16.39 24.89 -4.85
N GLU B 358 -17.36 24.40 -5.61
CA GLU B 358 -18.75 24.73 -5.32
C GLU B 358 -19.18 24.24 -3.93
N ILE B 359 -18.79 23.01 -3.57
CA ILE B 359 -19.15 22.43 -2.28
C ILE B 359 -18.45 23.20 -1.15
N ILE B 360 -17.16 23.47 -1.35
CA ILE B 360 -16.39 24.25 -0.40
C ILE B 360 -17.04 25.63 -0.17
N GLN B 361 -17.42 26.29 -1.26
CA GLN B 361 -18.09 27.59 -1.14
C GLN B 361 -19.35 27.45 -0.28
N ALA B 362 -20.14 26.43 -0.56
CA ALA B 362 -21.43 26.19 0.14
C ALA B 362 -21.18 25.95 1.62
N ASP B 363 -20.19 25.12 1.94
CA ASP B 363 -19.87 24.88 3.33
C ASP B 363 -19.36 26.13 4.04
N MET B 364 -18.48 26.87 3.39
CA MET B 364 -17.90 28.04 4.04
C MET B 364 -18.92 29.16 4.21
N ARG B 365 -19.91 29.22 3.32
CA ARG B 365 -20.97 30.21 3.45
C ARG B 365 -21.78 30.03 4.74
N GLN B 366 -21.87 28.79 5.21
CA GLN B 366 -22.62 28.46 6.42
C GLN B 366 -21.95 28.99 7.69
N ILE B 367 -20.66 29.31 7.62
CA ILE B 367 -19.96 29.96 8.74
C ILE B 367 -19.74 31.46 8.51
N GLY B 368 -20.34 32.01 7.45
CA GLY B 368 -20.21 33.45 7.17
C GLY B 368 -18.96 33.88 6.41
N ALA B 369 -18.34 32.94 5.70
CA ALA B 369 -17.22 33.23 4.82
C ALA B 369 -17.71 33.17 3.38
N ASP B 370 -17.41 34.21 2.61
CA ASP B 370 -17.82 34.33 1.20
C ASP B 370 -16.65 33.93 0.31
N VAL B 371 -16.69 32.73 -0.23
CA VAL B 371 -15.64 32.27 -1.14
C VAL B 371 -15.98 32.71 -2.54
N SER B 372 -15.07 33.44 -3.18
CA SER B 372 -15.22 33.82 -4.59
C SER B 372 -14.62 32.73 -5.45
N LEU B 373 -15.44 32.13 -6.30
CA LEU B 373 -14.97 31.11 -7.27
C LEU B 373 -14.34 31.81 -8.48
N ILE B 374 -13.02 31.67 -8.60
CA ILE B 374 -12.28 32.29 -9.72
C ILE B 374 -11.73 31.19 -10.61
N GLY B 375 -12.48 30.84 -11.64
CA GLY B 375 -12.05 29.80 -12.58
C GLY B 375 -11.28 30.48 -13.69
N GLU B 376 -10.06 30.02 -13.96
CA GLU B 376 -9.21 30.62 -15.00
C GLU B 376 -8.47 29.58 -15.81
N GLU B 377 -7.79 30.02 -16.86
CA GLU B 377 -6.95 29.12 -17.67
C GLU B 377 -5.78 28.61 -16.83
N GLU B 378 -5.31 27.42 -17.18
CA GLU B 378 -4.18 26.80 -16.49
C GLU B 378 -2.98 27.74 -16.32
N SER B 379 -2.60 28.43 -17.39
CA SER B 379 -1.42 29.30 -17.37
C SER B 379 -1.59 30.42 -16.35
N SER B 380 -2.82 30.92 -16.20
CA SER B 380 -3.11 31.97 -15.23
C SER B 380 -3.00 31.46 -13.80
N ILE B 381 -3.47 30.24 -13.57
CA ILE B 381 -3.38 29.61 -12.25
C ILE B 381 -1.91 29.34 -11.91
N TYR B 382 -1.14 28.86 -12.89
CA TYR B 382 0.30 28.69 -12.72
C TYR B 382 0.97 29.99 -12.28
N ALA B 383 0.65 31.09 -12.97
CA ALA B 383 1.27 32.38 -12.68
C ALA B 383 0.85 32.86 -11.29
N ARG B 384 -0.40 32.62 -10.92
CA ARG B 384 -0.87 32.96 -9.56
C ARG B 384 -0.06 32.23 -8.49
N GLN B 385 0.14 30.92 -8.67
CA GLN B 385 0.91 30.11 -7.71
C GLN B 385 2.34 30.63 -7.52
N ARG B 386 3.00 30.92 -8.63
CA ARG B 386 4.35 31.50 -8.63
C ARG B 386 4.42 32.84 -7.93
N ASP B 387 3.41 33.68 -8.18
CA ASP B 387 3.42 35.07 -7.71
C ASP B 387 2.79 35.24 -6.33
N GLY B 388 2.19 34.17 -5.79
CA GLY B 388 1.40 34.28 -4.58
C GLY B 388 0.15 35.14 -4.73
N ARG B 389 -0.37 35.28 -5.93
CA ARG B 389 -1.62 35.98 -6.16
CA ARG B 389 -1.61 35.96 -6.19
C ARG B 389 -2.74 34.97 -6.02
N PHE B 390 -3.01 34.56 -4.79
CA PHE B 390 -4.15 33.71 -4.50
C PHE B 390 -4.53 33.81 -3.04
N GLY B 391 -5.79 33.51 -2.74
CA GLY B 391 -6.28 33.36 -1.37
C GLY B 391 -6.23 31.89 -1.00
N MET B 392 -6.97 31.08 -1.75
CA MET B 392 -6.92 29.61 -1.64
C MET B 392 -6.76 29.00 -3.03
N ILE B 393 -6.04 27.88 -3.09
CA ILE B 393 -5.84 27.14 -4.34
C ILE B 393 -5.94 25.67 -4.01
N PHE B 394 -6.36 24.85 -4.97
CA PHE B 394 -6.21 23.41 -4.79
C PHE B 394 -4.76 23.01 -4.90
N HIS B 395 -4.35 21.97 -4.17
CA HIS B 395 -2.96 21.55 -4.20
C HIS B 395 -2.95 20.06 -3.89
N ARG B 396 -1.79 19.41 -4.01
CA ARG B 396 -1.68 17.98 -3.70
C ARG B 396 -0.23 17.66 -3.38
N THR B 397 -0.03 16.61 -2.60
CA THR B 397 1.33 16.09 -2.37
C THR B 397 1.66 15.17 -3.53
N TRP B 398 2.79 14.49 -3.43
CA TRP B 398 3.43 14.00 -4.65
C TRP B 398 3.50 12.47 -4.71
N GLY B 399 3.15 11.82 -3.61
CA GLY B 399 3.25 10.36 -3.52
C GLY B 399 4.67 9.86 -3.36
N ALA B 400 4.83 8.54 -3.30
CA ALA B 400 6.17 7.94 -3.14
C ALA B 400 7.00 8.14 -4.42
N PRO B 401 8.32 8.38 -4.30
CA PRO B 401 9.13 8.48 -3.08
C PRO B 401 9.32 9.91 -2.59
N TYR B 402 8.49 10.82 -3.11
CA TYR B 402 8.62 12.25 -2.81
C TYR B 402 8.11 12.63 -1.43
N ASP B 403 7.11 11.93 -0.93
CA ASP B 403 6.48 12.32 0.32
C ASP B 403 7.15 11.60 1.50
N PRO B 404 7.58 12.36 2.53
CA PRO B 404 7.43 13.81 2.71
C PRO B 404 8.69 14.61 2.32
N HIS B 405 9.84 13.94 2.16
CA HIS B 405 11.12 14.68 2.17
C HIS B 405 11.25 15.68 1.00
N ALA B 406 10.85 15.25 -0.20
CA ALA B 406 11.02 16.09 -1.39
C ALA B 406 9.95 17.17 -1.47
N PHE B 407 8.75 16.82 -1.03
CA PHE B 407 7.68 17.81 -0.92
C PHE B 407 8.12 18.92 0.04
N LEU B 408 8.69 18.54 1.19
CA LEU B 408 9.22 19.54 2.13
C LEU B 408 10.38 20.34 1.52
N SER B 409 11.31 19.65 0.87
CA SER B 409 12.45 20.31 0.27
C SER B 409 12.01 21.45 -0.62
N SER B 410 10.96 21.19 -1.38
CA SER B 410 10.46 22.11 -2.41
C SER B 410 9.82 23.36 -1.82
N MET B 411 9.39 23.28 -0.55
CA MET B 411 8.75 24.41 0.12
C MET B 411 9.69 25.61 0.28
N ARG B 412 10.98 25.34 0.11
CA ARG B 412 12.01 26.36 0.24
C ARG B 412 12.18 27.20 -1.04
N VAL B 413 11.62 26.75 -2.16
CA VAL B 413 11.83 27.42 -3.46
C VAL B 413 10.84 28.57 -3.65
N PRO B 414 11.36 29.81 -3.85
CA PRO B 414 10.54 31.02 -3.88
C PRO B 414 9.37 31.08 -4.89
N SER B 415 9.51 30.45 -6.04
CA SER B 415 8.50 30.60 -7.07
C SER B 415 7.47 29.48 -7.02
N HIS B 416 7.42 28.78 -5.89
CA HIS B 416 6.50 27.65 -5.70
C HIS B 416 5.33 28.05 -4.82
N ALA B 417 4.17 27.47 -5.06
CA ALA B 417 2.96 27.77 -4.29
C ALA B 417 3.09 27.59 -2.77
N ASP B 418 3.74 26.50 -2.34
CA ASP B 418 3.97 26.26 -0.90
C ASP B 418 4.79 27.36 -0.24
N PHE B 419 5.91 27.73 -0.86
CA PHE B 419 6.70 28.89 -0.40
C PHE B 419 5.80 30.11 -0.27
N GLN B 420 5.04 30.43 -1.33
CA GLN B 420 4.16 31.61 -1.33
C GLN B 420 3.10 31.58 -0.24
N ALA B 421 2.47 30.42 -0.08
CA ALA B 421 1.39 30.21 0.89
C ALA B 421 1.89 30.36 2.31
N GLN B 422 3.16 30.02 2.53
CA GLN B 422 3.78 30.08 3.87
C GLN B 422 4.46 31.42 4.22
N GLN B 423 4.43 32.39 3.30
CA GLN B 423 5.24 33.61 3.46
C GLN B 423 4.83 34.48 4.64
N GLY B 424 3.57 34.36 5.07
CA GLY B 424 3.05 35.16 6.17
C GLY B 424 3.33 34.59 7.54
N LEU B 425 3.97 33.42 7.58
CA LEU B 425 4.26 32.72 8.85
C LEU B 425 5.48 33.32 9.51
N ALA B 426 5.35 33.69 10.78
CA ALA B 426 6.50 34.24 11.51
C ALA B 426 7.66 33.25 11.55
N ASP B 427 7.32 31.96 11.53
CA ASP B 427 8.34 30.92 11.65
C ASP B 427 8.75 30.29 10.32
N LYS B 428 8.36 30.91 9.21
CA LYS B 428 8.78 30.41 7.89
C LYS B 428 10.31 30.27 7.80
N PRO B 429 11.09 31.27 8.28
CA PRO B 429 12.54 31.12 8.20
C PRO B 429 13.04 29.90 8.96
N LEU B 430 12.50 29.68 10.15
CA LEU B 430 12.91 28.52 10.96
C LEU B 430 12.53 27.22 10.27
N ILE B 431 11.31 27.19 9.71
CA ILE B 431 10.83 26.01 9.00
C ILE B 431 11.78 25.66 7.85
N ASP B 432 12.19 26.65 7.08
CA ASP B 432 13.04 26.38 5.92
C ASP B 432 14.44 25.94 6.36
N LYS B 433 14.93 26.53 7.46
CA LYS B 433 16.21 26.14 8.02
C LYS B 433 16.15 24.68 8.45
N GLU B 434 15.05 24.30 9.09
CA GLU B 434 14.89 22.95 9.58
C GLU B 434 14.69 21.93 8.48
N ILE B 435 14.05 22.33 7.37
CA ILE B 435 13.95 21.46 6.19
C ILE B 435 15.35 21.15 5.64
N GLY B 436 16.20 22.18 5.55
CA GLY B 436 17.58 21.95 5.13
C GLY B 436 18.30 20.98 6.06
N GLU B 437 18.07 21.14 7.36
CA GLU B 437 18.74 20.29 8.37
C GLU B 437 18.25 18.85 8.35
N VAL B 438 16.94 18.65 8.15
CA VAL B 438 16.39 17.31 8.17
C VAL B 438 16.95 16.48 6.99
N LEU B 439 17.19 17.17 5.87
CA LEU B 439 17.77 16.56 4.69
C LEU B 439 19.23 16.17 4.88
N ALA B 440 19.96 16.92 5.71
CA ALA B 440 21.41 16.78 5.81
C ALA B 440 21.92 16.05 7.05
N THR B 441 21.10 15.97 8.10
CA THR B 441 21.58 15.45 9.38
C THR B 441 21.90 13.95 9.30
N HIS B 442 22.97 13.53 9.98
CA HIS B 442 23.25 12.10 10.10
C HIS B 442 22.62 11.54 11.38
N ASP B 443 22.01 12.43 12.17
CA ASP B 443 21.42 12.03 13.43
C ASP B 443 19.96 11.67 13.18
N GLU B 444 19.66 10.37 13.18
CA GLU B 444 18.33 9.86 12.85
C GLU B 444 17.28 10.27 13.88
N THR B 445 17.68 10.32 15.14
CA THR B 445 16.85 10.84 16.20
C THR B 445 16.49 12.29 15.94
N GLN B 446 17.48 13.09 15.57
CA GLN B 446 17.25 14.49 15.27
C GLN B 446 16.40 14.64 14.00
N ARG B 447 16.66 13.83 13.00
CA ARG B 447 15.84 13.81 11.78
C ARG B 447 14.38 13.68 12.14
N GLN B 448 14.05 12.66 12.94
CA GLN B 448 12.66 12.48 13.36
C GLN B 448 12.09 13.66 14.13
N ALA B 449 12.89 14.28 15.00
CA ALA B 449 12.41 15.43 15.76
C ALA B 449 12.18 16.63 14.84
N LEU B 450 13.02 16.77 13.82
CA LEU B 450 12.86 17.87 12.87
C LEU B 450 11.59 17.66 12.04
N TYR B 451 11.36 16.42 11.58
CA TYR B 451 10.12 16.17 10.82
C TYR B 451 8.92 16.44 11.71
N ARG B 452 8.97 16.01 12.98
CA ARG B 452 7.87 16.32 13.89
C ARG B 452 7.67 17.84 13.99
N ASP B 453 8.76 18.58 14.20
CA ASP B 453 8.65 20.03 14.34
C ASP B 453 8.07 20.72 13.11
N ILE B 454 8.60 20.40 11.94
CA ILE B 454 8.12 21.00 10.69
C ILE B 454 6.64 20.67 10.46
N LEU B 455 6.30 19.39 10.52
CA LEU B 455 4.92 18.97 10.23
C LEU B 455 3.93 19.47 11.27
N THR B 456 4.37 19.56 12.52
CA THR B 456 3.48 20.06 13.56
C THR B 456 3.23 21.55 13.42
N ARG B 457 4.28 22.33 13.11
CA ARG B 457 4.11 23.77 12.86
C ARG B 457 3.17 24.01 11.68
N LEU B 458 3.38 23.29 10.58
CA LEU B 458 2.47 23.45 9.40
C LEU B 458 1.02 23.11 9.74
N HIS B 459 0.84 22.05 10.55
CA HIS B 459 -0.49 21.67 11.02
C HIS B 459 -1.12 22.72 11.92
N ASP B 460 -0.40 23.11 12.97
CA ASP B 460 -0.90 24.08 13.96
C ASP B 460 -1.22 25.44 13.32
N GLU B 461 -0.40 25.84 12.36
CA GLU B 461 -0.57 27.15 11.72
C GLU B 461 -1.61 27.11 10.60
N ALA B 462 -2.18 25.93 10.37
CA ALA B 462 -3.31 25.78 9.45
C ALA B 462 -3.03 26.35 8.06
N VAL B 463 -1.85 26.03 7.54
CA VAL B 463 -1.42 26.46 6.22
C VAL B 463 -2.25 25.75 5.15
N TYR B 464 -2.59 24.49 5.44
CA TYR B 464 -3.35 23.66 4.49
C TYR B 464 -4.74 23.35 5.02
N LEU B 465 -5.61 22.99 4.09
CA LEU B 465 -6.90 22.43 4.43
C LEU B 465 -6.96 21.05 3.74
N PRO B 466 -6.55 20.00 4.45
CA PRO B 466 -6.52 18.67 3.84
C PRO B 466 -7.92 18.19 3.52
N ILE B 467 -8.11 17.66 2.31
CA ILE B 467 -9.45 17.24 1.89
C ILE B 467 -9.52 15.73 1.87
N SER B 468 -8.66 15.10 1.09
CA SER B 468 -8.79 13.65 0.84
C SER B 468 -7.43 13.00 0.67
N TYR B 469 -7.29 11.73 1.06
CA TYR B 469 -6.17 10.93 0.54
C TYR B 469 -6.72 10.14 -0.64
N ILE B 470 -6.15 10.41 -1.81
CA ILE B 470 -6.72 9.88 -3.05
C ILE B 470 -5.94 8.66 -3.49
N SER B 471 -6.57 7.85 -4.34
CA SER B 471 -5.94 6.62 -4.84
C SER B 471 -5.72 6.66 -6.32
N MET B 472 -4.90 5.71 -6.78
CA MET B 472 -4.81 5.44 -8.21
C MET B 472 -6.03 4.63 -8.60
N MET B 473 -6.54 4.90 -9.80
CA MET B 473 -7.70 4.14 -10.30
CA MET B 473 -7.74 4.24 -10.34
C MET B 473 -7.38 3.59 -11.66
N VAL B 474 -8.03 2.47 -11.98
CA VAL B 474 -7.79 1.76 -13.23
C VAL B 474 -9.12 1.30 -13.80
N VAL B 475 -9.28 1.46 -15.11
CA VAL B 475 -10.41 0.84 -15.80
C VAL B 475 -9.77 0.09 -16.96
N SER B 476 -10.16 -1.16 -17.16
CA SER B 476 -9.49 -1.96 -18.19
C SER B 476 -10.39 -3.01 -18.81
N LYS B 477 -10.07 -3.40 -20.04
CA LYS B 477 -10.71 -4.55 -20.65
C LYS B 477 -10.37 -5.79 -19.82
N PRO B 478 -11.36 -6.61 -19.47
CA PRO B 478 -11.08 -7.80 -18.65
C PRO B 478 -9.98 -8.69 -19.20
N GLU B 479 -9.84 -8.76 -20.53
CA GLU B 479 -8.78 -9.57 -21.13
C GLU B 479 -7.35 -9.20 -20.71
N LEU B 480 -7.15 -7.97 -20.24
CA LEU B 480 -5.81 -7.53 -19.80
C LEU B 480 -5.43 -8.03 -18.42
N GLY B 481 -6.41 -8.49 -17.65
CA GLY B 481 -6.17 -9.08 -16.35
C GLY B 481 -5.98 -8.02 -15.28
N ASN B 482 -5.48 -8.46 -14.13
CA ASN B 482 -5.15 -7.53 -13.04
C ASN B 482 -4.03 -6.57 -13.48
N ILE B 483 -4.21 -5.27 -13.21
CA ILE B 483 -3.23 -4.28 -13.63
C ILE B 483 -2.43 -3.88 -12.40
N PRO B 484 -1.11 -4.06 -12.44
CA PRO B 484 -0.25 -3.75 -11.30
C PRO B 484 -0.05 -2.25 -11.14
N TYR B 485 0.36 -1.83 -9.94
CA TYR B 485 0.72 -0.43 -9.70
C TYR B 485 2.24 -0.33 -9.59
N ALA B 486 2.79 0.77 -10.07
CA ALA B 486 4.21 1.09 -9.86
C ALA B 486 4.45 1.67 -8.46
N PRO B 487 5.61 1.37 -7.85
CA PRO B 487 6.02 1.95 -6.55
C PRO B 487 6.04 3.48 -6.60
N ILE B 488 6.52 4.05 -7.69
CA ILE B 488 6.53 5.50 -7.86
C ILE B 488 5.17 5.93 -8.36
N ALA B 489 4.47 6.74 -7.58
CA ALA B 489 3.08 7.14 -7.89
C ALA B 489 2.88 7.76 -9.28
N THR B 490 3.88 8.47 -9.76
CA THR B 490 3.85 9.07 -11.07
C THR B 490 4.25 8.19 -12.30
N GLU B 491 4.59 6.94 -12.04
CA GLU B 491 4.93 5.98 -13.10
C GLU B 491 3.77 5.04 -13.39
N ILE B 492 3.76 4.46 -14.59
CA ILE B 492 2.75 3.48 -14.98
C ILE B 492 3.49 2.23 -15.47
N PRO B 493 3.27 1.08 -14.82
CA PRO B 493 4.12 -0.11 -15.07
C PRO B 493 3.68 -0.92 -16.31
N PHE B 494 3.70 -0.29 -17.48
CA PHE B 494 3.22 -0.92 -18.70
C PHE B 494 3.94 -2.25 -19.01
N GLU B 495 5.20 -2.34 -18.60
CA GLU B 495 6.00 -3.54 -18.86
C GLU B 495 5.62 -4.72 -17.96
N GLN B 496 4.71 -4.48 -17.02
CA GLN B 496 4.27 -5.51 -16.08
C GLN B 496 2.91 -6.10 -16.45
N ILE B 497 2.30 -5.54 -17.49
CA ILE B 497 0.99 -6.00 -17.95
C ILE B 497 1.16 -7.23 -18.86
N LYS B 498 0.59 -8.34 -18.42
CA LYS B 498 0.64 -9.59 -19.17
C LYS B 498 -0.77 -10.02 -19.61
N PRO B 499 -1.21 -9.58 -20.80
CA PRO B 499 -2.48 -10.07 -21.32
C PRO B 499 -2.32 -11.39 -22.11
#